data_8PMX
#
_entry.id   8PMX
#
_cell.length_a   112.856
_cell.length_b   112.856
_cell.length_c   184.439
_cell.angle_alpha   90
_cell.angle_beta   90
_cell.angle_gamma   90
#
_symmetry.space_group_name_H-M   'P 43 21 2'
#
loop_
_entity.id
_entity.type
_entity.pdbx_description
1 polymer 'Pro-secreted protein ORF2'
2 polymer 'Fab p60.12-HC'
3 polymer 'Fab p60.12-LC'
#
loop_
_entity_poly.entity_id
_entity_poly.type
_entity_poly.pdbx_seq_one_letter_code
_entity_poly.pdbx_strand_id
1 'polypeptide(L)'
;GDDDDKPAPARPITNWRSGDVVWVTLPSAEYAQSQSAMGSHPAYWSEEATIINVATGQRALVSSIKWDQVTLNGKVLHKE
THSGLVYYQLPLMGKISFWQQGTTKAGYTYNYNTTDSDSLWVWWDGTSKGYLYVSTYTTMLGAGPVNITGLGAIGPSPTE
QASVA
;
A,B
2 'polypeptide(L)'
;QVQLVQSGAEVKKPGSSVKVSCKASGDTFSSYVISWVRQAPGQGLEWMGGIIPIIGTANYAPKFQDTVTITADKSTNTVY
MEMRSLRSEDTAVYYCASNVQLQRRGNWFDPWGQGTLVTVSSASTKGPSVFPLAPSSKSTSGGTAALGCLVKDYFPEPVT
VSWNSGALTSGVHTFPAVLQSSGLYSLSSVVTVPSSSLGTQTYICNVNHKPSNTKVDKRVEPKSCDKTDDDDK
;
H
3 'polypeptide(L)'
;QSALTQPASVSGSPGQSITISCTGTSSDIGDYNFVSWYQQHPGKAPKLMIFDVTNRPSGVSNRFSGSKSGNTASLTISGL
QVEDEADYYCSSYTSTNTPVVFGGGTKLTVLGQPKAAPSVTLFPPSSEELQANKATLVCLISDFYPGAVTVAWKADSSPV
KAGVETTTPSKQSNNKYAASSYLSLTPEQWKSHRSYSCQVTHEGSTVEKTVAPTECS
;
L
#
# COMPACT_ATOMS: atom_id res chain seq x y z
N ASP A 5 15.79 30.32 51.58
CA ASP A 5 15.00 30.84 50.47
C ASP A 5 13.58 30.27 50.44
N LYS A 6 12.58 31.14 50.58
CA LYS A 6 11.19 30.71 50.47
C LYS A 6 10.56 31.44 49.30
N PRO A 7 10.46 30.76 48.15
CA PRO A 7 9.81 31.39 46.99
C PRO A 7 8.29 31.12 46.97
N ALA A 8 7.62 31.50 45.89
CA ALA A 8 6.19 31.28 45.76
C ALA A 8 5.89 29.78 45.62
N PRO A 9 4.91 29.24 46.34
CA PRO A 9 4.59 27.79 46.26
C PRO A 9 3.38 27.44 45.38
N ALA A 10 3.56 26.57 44.39
CA ALA A 10 2.47 26.23 43.46
C ALA A 10 2.09 24.74 43.54
N ARG A 11 1.13 24.21 42.69
CA ARG A 11 0.72 22.79 42.66
C ARG A 11 1.82 21.84 42.04
N PRO A 12 2.24 20.75 42.72
CA PRO A 12 3.35 19.93 42.19
C PRO A 12 3.08 19.16 40.91
N ILE A 13 4.16 18.72 40.25
CA ILE A 13 4.15 18.01 38.96
C ILE A 13 3.50 16.66 39.07
N THR A 14 3.76 15.96 40.17
CA THR A 14 3.18 14.63 40.41
C THR A 14 1.65 14.69 40.44
N ASN A 15 1.08 15.85 40.80
CA ASN A 15 -0.37 16.04 40.82
C ASN A 15 -0.84 16.51 39.48
N TRP A 16 -1.60 15.67 38.79
CA TRP A 16 -2.12 16.05 37.49
C TRP A 16 -3.63 16.15 37.53
N ARG A 17 -4.16 17.16 36.85
CA ARG A 17 -5.60 17.37 36.70
C ARG A 17 -5.96 17.13 35.24
N SER A 18 -7.12 16.53 34.97
CA SER A 18 -7.53 16.28 33.60
C SER A 18 -7.73 17.60 32.85
N GLY A 19 -6.80 17.87 31.96
CA GLY A 19 -6.82 19.10 31.19
C GLY A 19 -5.50 19.83 31.21
N ASP A 20 -4.62 19.53 32.16
CA ASP A 20 -3.31 20.18 32.26
C ASP A 20 -2.49 20.04 30.97
N VAL A 21 -1.77 21.09 30.58
CA VAL A 21 -0.92 21.02 29.39
C VAL A 21 0.41 20.44 29.81
N VAL A 22 0.87 19.40 29.08
CA VAL A 22 2.13 18.74 29.40
C VAL A 22 3.19 19.04 28.36
N TRP A 23 4.35 19.50 28.80
CA TRP A 23 5.47 19.77 27.91
C TRP A 23 6.56 18.80 28.26
N VAL A 24 6.94 17.89 27.36
CA VAL A 24 8.04 16.98 27.67
C VAL A 24 9.21 17.30 26.76
N THR A 25 10.41 17.27 27.32
CA THR A 25 11.62 17.54 26.56
C THR A 25 12.39 16.23 26.48
N LEU A 26 12.67 15.77 25.27
CA LEU A 26 13.39 14.53 25.08
C LEU A 26 14.72 14.74 24.36
N PRO A 27 15.76 15.17 25.09
CA PRO A 27 17.08 15.33 24.44
C PRO A 27 17.68 13.97 24.11
N SER A 28 18.51 13.93 23.06
CA SER A 28 19.20 12.72 22.60
C SER A 28 18.26 11.51 22.46
N ALA A 29 17.02 11.76 22.00
CA ALA A 29 16.05 10.69 21.87
C ALA A 29 16.38 9.76 20.72
N GLU A 30 15.96 8.50 20.85
CA GLU A 30 16.23 7.50 19.82
C GLU A 30 14.96 6.79 19.33
N TYR A 31 15.03 6.19 18.12
CA TYR A 31 13.88 5.48 17.56
C TYR A 31 13.84 4.06 18.13
N ALA A 32 12.64 3.54 18.39
CA ALA A 32 12.50 2.19 18.95
C ALA A 32 11.38 1.36 18.36
N GLN A 33 11.66 0.06 18.22
CA GLN A 33 10.74 -0.98 17.76
C GLN A 33 11.02 -2.32 18.48
N SER A 34 11.68 -2.28 19.67
CA SER A 34 12.06 -3.44 20.48
C SER A 34 11.85 -3.21 22.00
N GLN A 35 11.94 -1.95 22.47
CA GLN A 35 11.73 -1.63 23.89
C GLN A 35 10.23 -1.69 24.25
N SER A 36 9.40 -0.83 23.63
CA SER A 36 7.95 -0.83 23.85
C SER A 36 7.22 -1.41 22.61
N ALA A 37 7.76 -2.52 22.06
CA ALA A 37 7.22 -3.18 20.88
C ALA A 37 7.58 -4.65 20.80
N MET A 38 6.58 -5.53 20.84
CA MET A 38 6.79 -6.98 20.74
C MET A 38 7.18 -7.38 19.32
N GLY A 39 6.35 -7.01 18.34
CA GLY A 39 6.63 -7.31 16.95
C GLY A 39 7.25 -6.12 16.24
N SER A 40 6.40 -5.19 15.81
CA SER A 40 6.84 -3.97 15.12
C SER A 40 5.97 -2.76 15.45
N HIS A 41 6.29 -2.06 16.55
CA HIS A 41 5.58 -0.85 16.99
C HIS A 41 6.57 0.29 17.27
N PRO A 42 6.30 1.51 16.77
CA PRO A 42 7.27 2.59 16.93
C PRO A 42 6.98 3.61 18.03
N ALA A 43 8.05 4.26 18.52
CA ALA A 43 8.07 5.33 19.53
C ALA A 43 9.49 5.89 19.73
N TYR A 44 9.59 7.16 20.11
CA TYR A 44 10.88 7.80 20.41
C TYR A 44 11.04 7.81 21.93
N TRP A 45 12.24 7.55 22.41
CA TRP A 45 12.49 7.49 23.85
C TRP A 45 13.74 8.23 24.24
N SER A 46 13.83 8.68 25.51
CA SER A 46 15.06 9.34 25.97
C SER A 46 15.42 9.05 27.44
N GLU A 47 16.69 8.69 27.66
CA GLU A 47 17.27 8.39 28.97
C GLU A 47 17.01 9.57 29.95
N GLU A 48 17.50 10.78 29.62
CA GLU A 48 17.27 11.98 30.42
C GLU A 48 16.07 12.68 29.80
N ALA A 49 15.08 13.06 30.61
CA ALA A 49 13.88 13.70 30.07
C ALA A 49 13.27 14.68 31.08
N THR A 50 12.71 15.82 30.63
CA THR A 50 12.09 16.76 31.58
C THR A 50 10.60 16.94 31.26
N ILE A 51 9.75 16.86 32.30
CA ILE A 51 8.31 16.99 32.14
C ILE A 51 7.80 18.21 32.93
N ILE A 52 7.20 19.13 32.20
CA ILE A 52 6.71 20.40 32.70
C ILE A 52 5.19 20.44 32.59
N ASN A 53 4.53 20.89 33.66
CA ASN A 53 3.09 21.08 33.73
C ASN A 53 2.89 22.57 33.43
N VAL A 54 2.87 22.96 32.14
CA VAL A 54 2.77 24.36 31.67
C VAL A 54 1.71 25.17 32.42
N ALA A 55 0.64 24.48 32.86
CA ALA A 55 -0.40 25.14 33.64
C ALA A 55 0.17 25.74 34.95
N THR A 56 0.82 24.92 35.80
CA THR A 56 1.41 25.39 37.06
C THR A 56 2.73 26.10 36.88
N GLY A 57 3.50 25.66 35.90
CA GLY A 57 4.86 26.13 35.69
C GLY A 57 5.89 25.25 36.39
N GLN A 58 5.42 24.18 37.02
CA GLN A 58 6.28 23.25 37.71
C GLN A 58 6.87 22.25 36.74
N ARG A 59 8.13 21.89 36.94
CA ARG A 59 8.87 20.99 36.06
C ARG A 59 9.90 20.17 36.84
N ALA A 60 10.22 18.95 36.35
CA ALA A 60 11.19 18.05 36.97
C ALA A 60 11.61 16.93 36.02
N LEU A 61 12.80 16.36 36.24
CA LEU A 61 13.26 15.25 35.41
C LEU A 61 12.44 14.01 35.69
N VAL A 62 12.29 13.14 34.69
CA VAL A 62 11.54 11.90 34.82
C VAL A 62 12.22 11.00 35.84
N SER A 63 13.56 10.87 35.70
CA SER A 63 14.42 10.10 36.59
C SER A 63 14.37 10.56 38.06
N SER A 64 13.97 11.81 38.28
CA SER A 64 13.88 12.40 39.61
C SER A 64 12.44 12.47 40.10
N ILE A 65 11.62 11.51 39.72
CA ILE A 65 10.24 11.49 40.16
C ILE A 65 9.91 10.16 40.82
N LYS A 66 8.96 10.22 41.75
CA LYS A 66 8.49 9.03 42.41
C LYS A 66 7.20 8.61 41.73
N TRP A 67 7.34 7.98 40.55
CA TRP A 67 6.22 7.54 39.73
C TRP A 67 5.22 6.64 40.47
N ASP A 68 5.61 6.10 41.64
CA ASP A 68 4.73 5.31 42.49
C ASP A 68 3.56 6.17 42.95
N GLN A 69 3.80 7.47 43.23
CA GLN A 69 2.76 8.36 43.71
C GLN A 69 2.24 9.36 42.68
N VAL A 70 2.60 9.21 41.39
CA VAL A 70 2.09 10.17 40.39
C VAL A 70 0.62 9.92 40.20
N THR A 71 -0.14 10.92 40.58
CA THR A 71 -1.59 10.82 40.59
C THR A 71 -2.24 11.68 39.50
N LEU A 72 -3.51 11.38 39.25
CA LEU A 72 -4.41 12.06 38.33
C LEU A 72 -5.74 12.15 39.06
N ASN A 73 -6.10 13.35 39.54
CA ASN A 73 -7.34 13.62 40.28
C ASN A 73 -7.53 12.69 41.47
N GLY A 74 -6.48 12.49 42.24
CA GLY A 74 -6.52 11.62 43.41
C GLY A 74 -6.56 10.15 43.08
N LYS A 75 -5.99 9.77 41.93
CA LYS A 75 -5.94 8.38 41.50
C LYS A 75 -4.61 8.09 40.81
N VAL A 76 -3.84 7.12 41.30
CA VAL A 76 -2.55 6.79 40.70
C VAL A 76 -2.69 6.37 39.24
N LEU A 77 -1.66 6.61 38.42
CA LEU A 77 -1.62 6.31 37.00
C LEU A 77 -1.98 4.88 36.61
N HIS A 78 -2.64 4.72 35.45
CA HIS A 78 -3.05 3.43 34.90
C HIS A 78 -1.86 2.70 34.25
N LYS A 79 -2.04 1.43 33.87
CA LYS A 79 -0.98 0.65 33.23
C LYS A 79 -1.52 -0.39 32.25
N GLU A 80 -2.22 0.08 31.18
CA GLU A 80 -2.81 -0.78 30.14
C GLU A 80 -1.87 -1.89 29.61
N THR A 81 -0.71 -1.50 29.04
CA THR A 81 0.26 -2.41 28.45
C THR A 81 1.54 -2.54 29.32
N HIS A 82 2.44 -3.49 28.98
CA HIS A 82 3.68 -3.79 29.71
C HIS A 82 4.62 -4.64 28.82
N SER A 83 4.79 -4.18 27.56
CA SER A 83 5.62 -4.83 26.53
C SER A 83 7.10 -4.43 26.62
N GLY A 84 7.90 -5.33 27.14
CA GLY A 84 9.32 -5.06 27.33
C GLY A 84 9.60 -4.82 28.80
N LEU A 85 9.02 -3.75 29.34
CA LEU A 85 9.20 -3.43 30.76
C LEU A 85 7.92 -2.82 31.38
N VAL A 86 7.94 -2.40 32.67
CA VAL A 86 6.75 -1.78 33.28
C VAL A 86 6.57 -0.39 32.67
N TYR A 87 5.33 0.04 32.45
CA TYR A 87 5.07 1.33 31.82
C TYR A 87 3.96 2.16 32.44
N TYR A 88 4.31 3.24 33.14
CA TYR A 88 3.36 4.19 33.73
C TYR A 88 2.68 4.97 32.62
N GLN A 89 1.37 5.23 32.74
CA GLN A 89 0.63 5.89 31.67
C GLN A 89 -0.05 7.23 32.03
N LEU A 90 0.28 8.28 31.24
CA LEU A 90 -0.27 9.62 31.31
C LEU A 90 -1.10 9.82 30.05
N PRO A 91 -2.43 9.72 30.15
CA PRO A 91 -3.27 9.84 28.95
C PRO A 91 -3.52 11.27 28.51
N LEU A 92 -3.88 11.48 27.23
CA LEU A 92 -4.13 12.82 26.73
C LEU A 92 -5.34 12.87 25.84
N MET A 93 -6.01 14.01 25.84
CA MET A 93 -7.08 14.28 24.89
C MET A 93 -6.36 14.64 23.59
N GLY A 94 -6.89 14.17 22.48
CA GLY A 94 -6.28 14.45 21.18
C GLY A 94 -5.03 13.63 20.97
N LYS A 95 -4.07 14.15 20.20
CA LYS A 95 -2.82 13.43 19.92
C LYS A 95 -1.56 14.11 20.54
N ILE A 96 -0.34 13.62 20.24
CA ILE A 96 0.87 14.28 20.76
C ILE A 96 1.45 15.17 19.68
N SER A 97 1.69 16.44 20.01
CA SER A 97 2.30 17.37 19.08
C SER A 97 3.78 17.49 19.46
N PHE A 98 4.65 16.74 18.80
CA PHE A 98 6.08 16.81 19.09
C PHE A 98 6.88 17.26 17.90
N TRP A 99 8.09 17.76 18.14
CA TRP A 99 8.92 18.25 17.05
C TRP A 99 10.43 18.16 17.29
N GLN A 100 11.20 18.21 16.19
CA GLN A 100 12.65 18.22 16.28
C GLN A 100 13.00 19.65 16.69
N GLN A 101 13.66 19.78 17.83
CA GLN A 101 14.07 21.06 18.42
C GLN A 101 14.55 22.12 17.47
N GLY A 102 14.03 23.33 17.65
CA GLY A 102 14.40 24.50 16.86
C GLY A 102 13.72 24.60 15.50
N THR A 103 13.80 23.51 14.72
CA THR A 103 13.22 23.47 13.38
C THR A 103 11.73 23.18 13.38
N THR A 104 11.04 23.59 12.32
CA THR A 104 9.62 23.28 12.15
C THR A 104 9.40 21.80 11.75
N LYS A 105 10.46 20.97 11.73
CA LYS A 105 10.43 19.54 11.40
C LYS A 105 9.59 18.82 12.47
N ALA A 106 8.30 18.69 12.17
CA ALA A 106 7.27 18.13 13.03
C ALA A 106 7.26 16.58 13.06
N GLY A 107 6.65 16.01 14.09
CA GLY A 107 6.52 14.57 14.20
C GLY A 107 5.07 14.11 14.22
N TYR A 108 4.82 12.84 13.80
CA TYR A 108 3.47 12.23 13.78
C TYR A 108 3.41 10.88 14.47
N THR A 109 2.32 10.64 15.19
CA THR A 109 2.11 9.43 15.99
C THR A 109 1.80 8.18 15.12
N TYR A 110 1.74 7.00 15.74
CA TYR A 110 1.48 5.77 15.03
C TYR A 110 0.07 5.75 14.45
N ASN A 111 -0.89 6.28 15.19
CA ASN A 111 -2.28 6.35 14.76
C ASN A 111 -2.53 7.68 14.05
N TYR A 112 -1.63 8.03 13.10
CA TYR A 112 -1.65 9.31 12.41
C TYR A 112 -2.96 9.68 11.72
N ASN A 113 -3.84 8.72 11.45
CA ASN A 113 -5.10 9.03 10.81
C ASN A 113 -6.30 8.33 11.44
N THR A 114 -6.37 8.36 12.78
CA THR A 114 -7.49 7.77 13.52
C THR A 114 -7.94 8.71 14.65
N THR A 115 -9.19 8.59 15.10
CA THR A 115 -9.67 9.38 16.22
C THR A 115 -9.15 8.85 17.58
N ASP A 116 -8.07 8.05 17.57
CA ASP A 116 -7.48 7.49 18.78
C ASP A 116 -6.68 8.54 19.51
N SER A 117 -6.82 8.59 20.83
CA SER A 117 -6.10 9.55 21.64
C SER A 117 -4.82 8.93 22.19
N ASP A 118 -3.68 9.57 21.90
CA ASP A 118 -2.37 9.09 22.31
C ASP A 118 -2.06 9.31 23.79
N SER A 119 -1.15 8.51 24.34
CA SER A 119 -0.76 8.62 25.74
C SER A 119 0.76 8.61 25.88
N LEU A 120 1.24 9.15 27.00
CA LEU A 120 2.66 9.19 27.32
C LEU A 120 3.01 8.01 28.21
N TRP A 121 4.11 7.31 27.89
CA TRP A 121 4.55 6.17 28.67
C TRP A 121 5.91 6.42 29.29
N VAL A 122 6.06 6.03 30.53
CA VAL A 122 7.29 6.23 31.28
C VAL A 122 7.74 4.93 31.92
N TRP A 123 9.01 4.57 31.75
CA TRP A 123 9.55 3.40 32.42
C TRP A 123 10.24 3.90 33.68
N TRP A 124 10.11 3.18 34.80
CA TRP A 124 10.74 3.58 36.05
C TRP A 124 11.24 2.36 36.79
N ASP A 125 12.51 2.37 37.19
CA ASP A 125 13.12 1.26 37.92
C ASP A 125 12.77 1.25 39.42
N GLY A 126 12.30 2.38 39.96
CA GLY A 126 11.98 2.50 41.36
C GLY A 126 12.84 3.50 42.10
N THR A 127 14.01 3.86 41.53
CA THR A 127 14.96 4.82 42.11
C THR A 127 15.97 5.36 41.10
N SER A 128 15.94 6.67 40.87
CA SER A 128 16.87 7.47 40.05
C SER A 128 17.16 6.95 38.61
N LYS A 129 16.15 6.44 37.90
CA LYS A 129 16.35 5.95 36.53
C LYS A 129 15.03 5.90 35.79
N GLY A 130 14.87 6.79 34.83
CA GLY A 130 13.63 6.85 34.07
C GLY A 130 13.72 7.23 32.61
N TYR A 131 12.99 6.52 31.77
CA TYR A 131 12.93 6.86 30.36
C TYR A 131 11.50 7.32 30.07
N LEU A 132 11.36 8.19 29.03
CA LEU A 132 10.07 8.68 28.55
C LEU A 132 9.89 8.32 27.07
N TYR A 133 8.75 7.75 26.75
CA TYR A 133 8.45 7.34 25.39
C TYR A 133 7.31 8.18 24.80
N VAL A 134 7.36 8.43 23.50
CA VAL A 134 6.32 9.19 22.81
C VAL A 134 6.05 8.51 21.47
N SER A 135 4.80 8.13 21.20
CA SER A 135 4.43 7.45 19.96
C SER A 135 4.96 8.12 18.67
N THR A 136 5.36 7.31 17.68
CA THR A 136 5.81 7.78 16.35
C THR A 136 5.38 6.78 15.24
N TYR A 137 5.61 7.09 13.94
CA TYR A 137 5.24 6.17 12.87
C TYR A 137 6.49 5.59 12.22
N THR A 138 7.46 6.43 11.94
CA THR A 138 8.73 6.06 11.33
C THR A 138 9.84 7.04 11.83
N THR A 139 11.06 6.97 11.26
CA THR A 139 12.15 7.85 11.67
C THR A 139 12.02 9.25 11.04
N MET A 140 10.82 9.85 11.11
CA MET A 140 10.53 11.18 10.57
C MET A 140 11.48 12.24 11.10
N LEU A 141 12.06 12.03 12.29
CA LEU A 141 12.98 12.99 12.88
C LEU A 141 14.44 12.52 12.87
N GLY A 142 14.68 11.27 12.53
CA GLY A 142 16.03 10.73 12.46
C GLY A 142 16.18 9.41 13.19
N ALA A 143 17.41 8.92 13.25
CA ALA A 143 17.69 7.66 13.93
C ALA A 143 17.94 7.90 15.41
N GLY A 144 18.67 8.95 15.74
CA GLY A 144 19.00 9.24 17.12
C GLY A 144 20.50 9.31 17.31
N PRO A 145 21.04 10.19 18.17
CA PRO A 145 20.34 11.15 19.06
C PRO A 145 19.62 12.28 18.34
N VAL A 146 18.35 12.49 18.67
CA VAL A 146 17.51 13.51 18.08
C VAL A 146 16.84 14.26 19.21
N ASN A 147 17.10 15.56 19.36
CA ASN A 147 16.50 16.35 20.44
C ASN A 147 15.04 16.72 20.12
N ILE A 148 14.08 16.15 20.88
CA ILE A 148 12.65 16.36 20.65
C ILE A 148 12.02 17.16 21.79
N THR A 149 10.88 17.78 21.52
CA THR A 149 10.12 18.51 22.52
C THR A 149 8.66 18.33 22.15
N GLY A 150 7.94 17.60 22.99
CA GLY A 150 6.54 17.30 22.73
C GLY A 150 5.58 18.08 23.58
N LEU A 151 4.31 18.07 23.21
CA LEU A 151 3.28 18.80 23.93
C LEU A 151 1.96 18.11 23.80
N GLY A 152 1.16 18.14 24.85
CA GLY A 152 -0.17 17.53 24.83
C GLY A 152 -1.06 18.02 25.95
N ALA A 153 -2.29 17.45 26.07
CA ALA A 153 -3.19 17.86 27.15
C ALA A 153 -3.91 16.70 27.82
N ILE A 154 -3.53 16.34 29.05
CA ILE A 154 -4.10 15.23 29.82
C ILE A 154 -5.61 15.05 29.70
N GLY A 155 -6.03 13.79 29.63
CA GLY A 155 -7.43 13.40 29.61
C GLY A 155 -7.89 12.69 30.86
N PRO A 156 -9.17 12.32 30.93
CA PRO A 156 -9.69 11.64 32.12
C PRO A 156 -9.30 10.17 32.21
N SER A 157 -9.14 9.67 33.44
CA SER A 157 -8.76 8.28 33.69
C SER A 157 -9.88 7.30 33.32
N PRO A 158 -9.53 6.16 32.68
CA PRO A 158 -10.59 5.20 32.28
C PRO A 158 -11.05 4.30 33.42
N ASP B 5 -11.67 47.90 39.95
CA ASP B 5 -10.92 46.70 40.34
C ASP B 5 -9.58 46.60 39.61
N LYS B 6 -8.49 46.57 40.36
CA LYS B 6 -7.17 46.37 39.77
C LYS B 6 -6.56 45.10 40.32
N PRO B 7 -6.65 44.01 39.56
CA PRO B 7 -6.04 42.76 40.01
C PRO B 7 -4.56 42.65 39.56
N ALA B 8 -3.96 41.47 39.72
CA ALA B 8 -2.59 41.24 39.30
C ALA B 8 -2.46 41.31 37.77
N PRO B 9 -1.41 42.01 37.27
CA PRO B 9 -1.23 42.19 35.82
C PRO B 9 -0.21 41.25 35.15
N ALA B 10 -0.59 40.56 34.07
CA ALA B 10 0.34 39.63 33.41
C ALA B 10 0.64 40.06 31.95
N ARG B 11 1.45 39.29 31.14
CA ARG B 11 1.74 39.59 29.72
C ARG B 11 0.49 39.33 28.74
N PRO B 12 0.12 40.29 27.86
CA PRO B 12 -1.10 40.13 27.04
C PRO B 12 -1.12 38.95 26.10
N ILE B 13 -2.32 38.65 25.54
CA ILE B 13 -2.56 37.58 24.55
C ILE B 13 -2.02 37.98 23.19
N THR B 14 -2.23 39.23 22.81
CA THR B 14 -1.75 39.75 21.54
C THR B 14 -0.24 39.63 21.40
N ASN B 15 0.51 39.70 22.51
CA ASN B 15 1.96 39.55 22.46
C ASN B 15 2.30 38.08 22.59
N TRP B 16 2.88 37.49 21.56
CA TRP B 16 3.25 36.09 21.58
C TRP B 16 4.74 35.93 21.49
N ARG B 17 5.27 34.92 22.17
CA ARG B 17 6.69 34.60 22.09
C ARG B 17 6.82 33.14 21.59
N SER B 18 7.74 32.92 20.66
CA SER B 18 7.92 31.60 20.08
C SER B 18 8.28 30.55 21.11
N GLY B 19 7.29 29.77 21.41
CA GLY B 19 7.37 28.74 22.41
C GLY B 19 6.12 28.71 23.28
N ASP B 20 5.35 29.81 23.32
CA ASP B 20 4.12 29.85 24.12
C ASP B 20 3.14 28.73 23.77
N VAL B 21 2.45 28.15 24.78
CA VAL B 21 1.46 27.12 24.50
C VAL B 21 0.15 27.79 24.19
N VAL B 22 -0.49 27.41 23.08
CA VAL B 22 -1.76 28.00 22.66
C VAL B 22 -2.90 27.03 22.83
N TRP B 23 -3.95 27.46 23.52
CA TRP B 23 -5.13 26.65 23.70
C TRP B 23 -6.25 27.33 22.97
N VAL B 24 -6.78 26.64 21.96
CA VAL B 24 -7.88 27.14 21.16
C VAL B 24 -9.18 26.42 21.53
N THR B 25 -10.28 27.16 21.58
CA THR B 25 -11.58 26.55 21.79
C THR B 25 -12.43 27.00 20.61
N LEU B 26 -13.00 26.06 19.88
CA LEU B 26 -13.82 26.36 18.72
C LEU B 26 -15.23 25.89 19.02
N PRO B 27 -15.98 26.67 19.80
CA PRO B 27 -17.35 26.23 20.15
C PRO B 27 -18.25 26.06 18.92
N SER B 28 -18.83 24.88 18.79
CA SER B 28 -19.74 24.50 17.70
C SER B 28 -19.16 24.79 16.32
N ALA B 29 -17.99 24.22 16.04
CA ALA B 29 -17.28 24.36 14.78
C ALA B 29 -17.87 23.53 13.63
N GLU B 30 -17.64 23.98 12.38
CA GLU B 30 -18.12 23.33 11.16
C GLU B 30 -16.96 22.90 10.26
N TYR B 31 -17.22 21.93 9.38
CA TYR B 31 -16.22 21.46 8.42
C TYR B 31 -16.21 22.39 7.20
N ALA B 32 -15.03 22.65 6.61
CA ALA B 32 -14.95 23.53 5.44
C ALA B 32 -14.01 23.02 4.36
N GLN B 33 -14.49 22.87 3.11
CA GLN B 33 -13.67 22.36 2.02
C GLN B 33 -12.95 23.50 1.27
N SER B 34 -13.46 23.99 0.13
CA SER B 34 -12.81 25.09 -0.58
C SER B 34 -13.18 26.43 0.06
N GLN B 35 -12.61 26.72 1.26
CA GLN B 35 -12.91 27.96 1.98
C GLN B 35 -11.76 28.45 2.88
N SER B 36 -10.62 27.73 2.97
CA SER B 36 -9.53 28.20 3.86
C SER B 36 -8.12 27.83 3.44
N ALA B 37 -7.18 28.80 3.62
CA ALA B 37 -5.74 28.79 3.31
C ALA B 37 -5.39 28.58 1.82
N MET B 38 -5.93 27.54 1.17
CA MET B 38 -5.72 27.22 -0.24
C MET B 38 -6.96 26.50 -0.83
N GLY B 39 -7.04 26.41 -2.16
CA GLY B 39 -8.15 25.73 -2.83
C GLY B 39 -8.14 24.24 -2.60
N SER B 40 -9.33 23.63 -2.40
CA SER B 40 -9.53 22.21 -2.12
C SER B 40 -8.74 21.74 -0.89
N HIS B 41 -8.91 22.45 0.24
CA HIS B 41 -8.21 22.16 1.48
C HIS B 41 -9.17 22.11 2.68
N PRO B 42 -9.11 21.05 3.50
CA PRO B 42 -10.00 20.97 4.66
C PRO B 42 -9.49 21.70 5.90
N ALA B 43 -10.43 22.10 6.78
CA ALA B 43 -10.20 22.77 8.07
C ALA B 43 -11.53 22.96 8.82
N TYR B 44 -11.46 22.99 10.16
CA TYR B 44 -12.62 23.24 11.01
C TYR B 44 -12.57 24.70 11.43
N TRP B 45 -13.71 25.37 11.43
CA TRP B 45 -13.76 26.79 11.75
C TRP B 45 -14.85 27.13 12.73
N SER B 46 -14.66 28.21 13.48
CA SER B 46 -15.66 28.64 14.45
C SER B 46 -15.85 30.15 14.38
N GLU B 47 -17.10 30.63 14.47
CA GLU B 47 -17.35 32.06 14.49
C GLU B 47 -16.87 32.54 15.86
N GLU B 48 -17.57 32.11 16.91
CA GLU B 48 -17.18 32.41 18.27
C GLU B 48 -16.02 31.49 18.60
N ALA B 49 -14.90 32.04 19.10
CA ALA B 49 -13.73 31.23 19.42
C ALA B 49 -12.92 31.90 20.53
N THR B 50 -12.31 31.11 21.45
CA THR B 50 -11.50 31.66 22.55
C THR B 50 -10.05 31.19 22.46
N ILE B 51 -9.09 32.12 22.46
CA ILE B 51 -7.67 31.76 22.37
C ILE B 51 -6.95 32.14 23.67
N ILE B 52 -6.38 31.12 24.30
CA ILE B 52 -5.71 31.22 25.59
C ILE B 52 -4.21 30.96 25.43
N ASN B 53 -3.39 31.79 26.05
CA ASN B 53 -1.93 31.65 26.08
C ASN B 53 -1.64 30.97 27.43
N VAL B 54 -1.76 29.64 27.49
CA VAL B 54 -1.61 28.82 28.70
C VAL B 54 -0.40 29.22 29.55
N ALA B 55 0.65 29.71 28.89
CA ALA B 55 1.84 30.17 29.57
C ALA B 55 1.50 31.35 30.54
N THR B 56 0.90 32.44 30.04
CA THR B 56 0.53 33.59 30.87
C THR B 56 -0.76 33.37 31.67
N GLY B 57 -1.67 32.62 31.09
CA GLY B 57 -3.01 32.45 31.66
C GLY B 57 -3.99 33.45 31.08
N GLN B 58 -3.54 34.29 30.14
CA GLN B 58 -4.37 35.27 29.52
C GLN B 58 -5.16 34.65 28.39
N ARG B 59 -6.42 35.07 28.24
CA ARG B 59 -7.36 34.53 27.24
C ARG B 59 -8.34 35.61 26.77
N ALA B 60 -8.83 35.49 25.53
CA ALA B 60 -9.79 36.42 24.93
C ALA B 60 -10.46 35.85 23.68
N LEU B 61 -11.65 36.38 23.31
CA LEU B 61 -12.31 35.93 22.09
C LEU B 61 -11.58 36.41 20.87
N VAL B 62 -11.65 35.65 19.77
CA VAL B 62 -10.98 36.02 18.53
C VAL B 62 -11.58 37.28 17.99
N SER B 63 -12.92 37.35 17.97
CA SER B 63 -13.69 38.53 17.52
C SER B 63 -13.37 39.81 18.31
N SER B 64 -12.84 39.66 19.53
CA SER B 64 -12.49 40.77 20.41
C SER B 64 -10.96 40.98 20.45
N ILE B 65 -10.25 40.67 19.35
CA ILE B 65 -8.79 40.83 19.30
C ILE B 65 -8.39 41.71 18.10
N LYS B 66 -7.62 42.77 18.36
CA LYS B 66 -7.19 43.68 17.32
C LYS B 66 -6.06 43.02 16.57
N TRP B 67 -6.41 42.09 15.66
CA TRP B 67 -5.45 41.31 14.89
C TRP B 67 -4.45 42.16 14.10
N ASP B 68 -4.73 43.45 13.93
CA ASP B 68 -3.81 44.39 13.29
C ASP B 68 -2.52 44.48 14.10
N GLN B 69 -2.62 44.44 15.44
CA GLN B 69 -1.45 44.55 16.30
C GLN B 69 -0.99 43.24 16.94
N VAL B 70 -1.51 42.08 16.51
CA VAL B 70 -1.06 40.81 17.11
C VAL B 70 0.35 40.55 16.66
N THR B 71 1.24 40.56 17.63
CA THR B 71 2.65 40.47 17.37
C THR B 71 3.25 39.13 17.84
N LEU B 72 4.44 38.84 17.36
CA LEU B 72 5.27 37.69 17.68
C LEU B 72 6.69 38.24 17.80
N ASN B 73 7.20 38.35 19.04
CA ASN B 73 8.54 38.86 19.34
C ASN B 73 8.81 40.22 18.72
N GLY B 74 7.84 41.12 18.84
CA GLY B 74 7.97 42.46 18.30
C GLY B 74 7.83 42.54 16.79
N LYS B 75 7.09 41.59 16.20
CA LYS B 75 6.87 41.56 14.76
C LYS B 75 5.45 41.09 14.46
N VAL B 76 4.67 41.91 13.75
CA VAL B 76 3.28 41.55 13.42
C VAL B 76 3.20 40.25 12.64
N LEU B 77 2.08 39.51 12.78
CA LEU B 77 1.84 38.21 12.12
C LEU B 77 1.99 38.22 10.62
N HIS B 78 2.46 37.10 10.05
CA HIS B 78 2.61 37.02 8.61
C HIS B 78 1.23 36.83 8.03
N LYS B 79 0.58 37.92 7.63
CA LYS B 79 -0.74 37.81 7.04
C LYS B 79 -0.54 37.34 5.62
N GLU B 80 -1.21 36.25 5.26
CA GLU B 80 -1.11 35.72 3.92
C GLU B 80 -2.47 35.64 3.30
N THR B 81 -2.53 35.95 2.02
CA THR B 81 -3.78 35.94 1.30
C THR B 81 -4.12 34.54 0.85
N HIS B 82 -5.40 34.21 0.94
CA HIS B 82 -5.96 32.94 0.48
C HIS B 82 -6.67 33.25 -0.87
N SER B 83 -7.09 32.20 -1.62
CA SER B 83 -7.82 32.36 -2.88
C SER B 83 -8.99 33.36 -2.76
N GLY B 84 -9.60 33.42 -1.57
CA GLY B 84 -10.68 34.33 -1.27
C GLY B 84 -10.28 35.45 -0.31
N LEU B 85 -10.46 35.21 0.99
CA LEU B 85 -10.17 36.18 2.07
C LEU B 85 -8.66 36.41 2.28
N VAL B 86 -8.28 37.35 3.19
CA VAL B 86 -6.89 37.58 3.58
C VAL B 86 -6.79 37.07 5.03
N TYR B 87 -5.86 36.13 5.34
CA TYR B 87 -5.81 35.54 6.68
C TYR B 87 -4.56 35.81 7.55
N TYR B 88 -4.77 35.91 8.89
CA TYR B 88 -3.68 36.13 9.85
C TYR B 88 -3.10 34.79 10.25
N GLN B 89 -1.76 34.71 10.38
CA GLN B 89 -1.13 33.42 10.67
C GLN B 89 -0.29 33.35 11.96
N LEU B 90 -0.64 32.36 12.81
CA LEU B 90 0.03 32.02 14.07
C LEU B 90 0.70 30.66 13.85
N PRO B 91 2.01 30.65 13.62
CA PRO B 91 2.70 29.37 13.33
C PRO B 91 3.01 28.57 14.58
N LEU B 92 3.21 27.26 14.41
CA LEU B 92 3.51 26.39 15.56
C LEU B 92 4.60 25.41 15.24
N MET B 93 5.36 25.04 16.26
CA MET B 93 6.32 23.96 16.14
C MET B 93 5.46 22.70 16.26
N GLY B 94 5.78 21.69 15.47
CA GLY B 94 5.04 20.45 15.48
C GLY B 94 3.70 20.59 14.77
N LYS B 95 2.70 19.82 15.18
CA LYS B 95 1.38 19.86 14.57
C LYS B 95 0.29 20.40 15.53
N ILE B 96 -1.01 20.36 15.15
CA ILE B 96 -2.07 20.80 16.06
C ILE B 96 -2.70 19.59 16.72
N SER B 97 -2.75 19.59 18.06
CA SER B 97 -3.39 18.50 18.78
C SER B 97 -4.80 18.98 19.17
N PHE B 98 -5.81 18.66 18.35
CA PHE B 98 -7.21 19.04 18.58
C PHE B 98 -8.11 17.82 18.85
N TRP B 99 -9.24 18.02 19.52
CA TRP B 99 -10.13 16.92 19.86
C TRP B 99 -11.58 17.35 20.04
N GLN B 100 -12.50 16.39 19.92
CA GLN B 100 -13.91 16.65 20.16
C GLN B 100 -14.06 16.71 21.67
N GLN B 101 -14.54 17.84 22.18
CA GLN B 101 -14.72 18.12 23.59
C GLN B 101 -15.21 16.97 24.46
N GLY B 102 -14.53 16.77 25.58
CA GLY B 102 -14.87 15.75 26.56
C GLY B 102 -14.41 14.36 26.22
N THR B 103 -14.71 13.90 25.00
CA THR B 103 -14.36 12.56 24.55
C THR B 103 -12.93 12.45 24.06
N THR B 104 -12.39 11.24 24.09
CA THR B 104 -11.06 10.96 23.55
C THR B 104 -11.05 10.95 22.01
N LYS B 105 -12.19 11.30 21.35
CA LYS B 105 -12.36 11.35 19.90
C LYS B 105 -11.45 12.44 19.36
N ALA B 106 -10.23 12.04 18.99
CA ALA B 106 -9.14 12.90 18.53
C ALA B 106 -9.26 13.33 17.06
N GLY B 107 -8.58 14.41 16.68
CA GLY B 107 -8.57 14.85 15.31
C GLY B 107 -7.20 14.70 14.67
N TYR B 108 -7.11 14.92 13.35
CA TYR B 108 -5.84 14.90 12.64
C TYR B 108 -5.80 15.93 11.52
N THR B 109 -4.65 16.58 11.35
CA THR B 109 -4.43 17.64 10.37
C THR B 109 -4.35 17.11 8.91
N TYR B 110 -4.32 18.03 7.93
CA TYR B 110 -4.26 17.66 6.53
C TYR B 110 -2.95 16.96 6.19
N ASN B 111 -1.84 17.42 6.78
CA ASN B 111 -0.53 16.85 6.56
C ASN B 111 -0.27 15.78 7.64
N TYR B 112 -1.24 14.89 7.85
CA TYR B 112 -1.21 13.87 8.90
C TYR B 112 0.01 12.98 8.92
N ASN B 113 0.77 12.88 7.81
CA ASN B 113 1.95 12.04 7.79
C ASN B 113 3.15 12.71 7.12
N THR B 114 3.41 13.97 7.47
CA THR B 114 4.56 14.71 6.95
C THR B 114 5.26 15.49 8.07
N THR B 115 6.53 15.82 7.87
CA THR B 115 7.27 16.65 8.83
C THR B 115 6.89 18.14 8.74
N ASP B 116 5.74 18.46 8.14
CA ASP B 116 5.27 19.82 7.98
C ASP B 116 4.70 20.32 9.30
N SER B 117 5.02 21.57 9.66
CA SER B 117 4.50 22.15 10.89
C SER B 117 3.26 22.98 10.61
N ASP B 118 2.16 22.64 11.28
CA ASP B 118 0.88 23.30 11.08
C ASP B 118 0.78 24.70 11.69
N SER B 119 -0.14 25.52 11.17
CA SER B 119 -0.33 26.87 11.67
C SER B 119 -1.80 27.17 11.89
N LEU B 120 -2.08 28.15 12.74
CA LEU B 120 -3.43 28.61 13.04
C LEU B 120 -3.77 29.81 12.17
N TRP B 121 -4.94 29.79 11.55
CA TRP B 121 -5.37 30.89 10.69
C TRP B 121 -6.61 31.55 11.25
N VAL B 122 -6.63 32.88 11.19
CA VAL B 122 -7.73 33.67 11.72
C VAL B 122 -8.19 34.65 10.67
N TRP B 123 -9.49 34.69 10.34
CA TRP B 123 -9.98 35.70 9.41
C TRP B 123 -10.58 36.83 10.22
N TRP B 124 -10.28 38.09 9.85
CA TRP B 124 -10.79 39.23 10.57
C TRP B 124 -11.23 40.27 9.58
N ASP B 125 -12.45 40.82 9.74
CA ASP B 125 -13.00 41.87 8.85
C ASP B 125 -12.43 43.28 9.10
N GLY B 126 -11.93 43.49 10.31
CA GLY B 126 -11.37 44.77 10.71
C GLY B 126 -11.96 45.29 12.02
N THR B 127 -13.15 44.80 12.41
CA THR B 127 -13.85 45.22 13.63
C THR B 127 -14.93 44.24 14.10
N SER B 128 -14.78 43.71 15.33
CA SER B 128 -15.74 42.84 16.03
C SER B 128 -16.28 41.61 15.24
N LYS B 129 -15.43 40.92 14.47
CA LYS B 129 -15.85 39.75 13.71
C LYS B 129 -14.64 38.91 13.32
N GLY B 130 -14.44 37.78 14.00
CA GLY B 130 -13.30 36.92 13.74
C GLY B 130 -13.44 35.42 13.87
N TYR B 131 -13.23 34.68 12.76
CA TYR B 131 -13.32 33.23 12.77
C TYR B 131 -11.94 32.66 12.98
N LEU B 132 -11.86 31.44 13.54
CA LEU B 132 -10.61 30.69 13.75
C LEU B 132 -10.66 29.35 13.03
N TYR B 133 -9.64 29.07 12.26
CA TYR B 133 -9.56 27.84 11.50
C TYR B 133 -8.46 26.94 12.01
N VAL B 134 -8.66 25.64 11.97
CA VAL B 134 -7.68 24.67 12.38
C VAL B 134 -7.66 23.53 11.37
N SER B 135 -6.50 23.24 10.80
CA SER B 135 -6.35 22.20 9.78
C SER B 135 -6.99 20.86 10.14
N THR B 136 -7.60 20.17 9.16
CA THR B 136 -8.19 18.83 9.31
C THR B 136 -7.99 18.01 8.02
N TYR B 137 -8.38 16.72 8.00
CA TYR B 137 -8.23 15.91 6.79
C TYR B 137 -9.62 15.57 6.21
N THR B 138 -10.54 15.18 7.07
CA THR B 138 -11.90 14.83 6.72
C THR B 138 -12.85 15.15 7.92
N THR B 139 -14.13 14.76 7.88
CA THR B 139 -15.07 15.02 8.96
C THR B 139 -14.89 14.03 10.12
N MET B 140 -13.64 13.79 10.56
CA MET B 140 -13.32 12.89 11.66
C MET B 140 -14.08 13.19 12.95
N LEU B 141 -14.50 14.44 13.13
CA LEU B 141 -15.24 14.85 14.31
C LEU B 141 -16.73 15.14 14.06
N GLY B 142 -17.13 15.19 12.80
CA GLY B 142 -18.52 15.42 12.44
C GLY B 142 -18.69 16.47 11.38
N ALA B 143 -19.94 16.79 11.08
CA ALA B 143 -20.24 17.81 10.10
C ALA B 143 -20.27 19.20 10.75
N GLY B 144 -20.86 19.28 11.93
CA GLY B 144 -20.99 20.55 12.64
C GLY B 144 -22.45 20.81 12.96
N PRO B 145 -22.79 21.43 14.12
CA PRO B 145 -21.89 21.96 15.16
C PRO B 145 -21.13 20.90 15.95
N VAL B 146 -19.81 21.07 16.05
CA VAL B 146 -18.94 20.15 16.76
C VAL B 146 -18.03 20.96 17.67
N ASN B 147 -18.13 20.81 18.99
CA ASN B 147 -17.29 21.58 19.91
C ASN B 147 -15.86 21.01 20.00
N ILE B 148 -14.88 21.77 19.51
CA ILE B 148 -13.48 21.34 19.49
C ILE B 148 -12.61 22.16 20.47
N THR B 149 -11.50 21.58 20.96
CA THR B 149 -10.48 22.25 21.79
C THR B 149 -9.14 21.79 21.30
N GLY B 150 -8.41 22.70 20.70
CA GLY B 150 -7.08 22.40 20.17
C GLY B 150 -5.95 22.94 21.02
N LEU B 151 -4.76 22.46 20.76
CA LEU B 151 -3.58 22.85 21.52
C LEU B 151 -2.35 22.77 20.65
N GLY B 152 -1.41 23.69 20.86
CA GLY B 152 -0.16 23.71 20.11
C GLY B 152 0.90 24.59 20.73
N ALA B 153 2.06 24.75 20.06
CA ALA B 153 3.12 25.60 20.61
C ALA B 153 3.80 26.47 19.60
N ILE B 154 3.58 27.78 19.68
CA ILE B 154 4.14 28.85 18.84
C ILE B 154 5.60 28.61 18.29
N GLY B 155 5.81 28.93 17.02
CA GLY B 155 7.08 28.78 16.34
C GLY B 155 7.67 30.10 15.90
N PRO B 156 8.90 30.06 15.40
CA PRO B 156 9.56 31.31 14.99
C PRO B 156 9.06 31.86 13.66
N SER B 157 9.05 33.18 13.53
CA SER B 157 8.58 33.86 12.32
C SER B 157 9.53 33.66 11.14
N PRO B 158 9.00 33.41 9.93
CA PRO B 158 9.88 33.18 8.78
C PRO B 158 10.42 34.47 8.16
N VAL C 2 11.73 10.06 -4.13
CA VAL C 2 12.91 9.20 -4.27
C VAL C 2 12.65 8.07 -5.31
N GLN C 3 13.62 7.83 -6.22
CA GLN C 3 13.51 6.84 -7.29
C GLN C 3 14.21 5.51 -6.96
N LEU C 4 13.57 4.37 -7.30
CA LEU C 4 14.13 3.03 -7.05
C LEU C 4 14.61 2.32 -8.33
N VAL C 5 15.87 1.83 -8.32
CA VAL C 5 16.48 1.08 -9.42
C VAL C 5 16.77 -0.35 -8.94
N GLN C 6 16.43 -1.38 -9.74
CA GLN C 6 16.64 -2.76 -9.33
C GLN C 6 17.64 -3.56 -10.22
N SER C 7 18.10 -4.72 -9.74
CA SER C 7 19.05 -5.58 -10.45
C SER C 7 18.36 -6.40 -11.57
N GLY C 8 19.17 -6.90 -12.50
CA GLY C 8 18.68 -7.69 -13.63
C GLY C 8 18.19 -9.09 -13.29
N ALA C 9 18.08 -9.94 -14.32
CA ALA C 9 17.58 -11.30 -14.16
C ALA C 9 18.59 -12.20 -13.45
N GLU C 10 18.11 -13.06 -12.55
CA GLU C 10 18.95 -13.98 -11.79
C GLU C 10 18.45 -15.42 -11.95
N VAL C 11 18.96 -16.14 -12.95
CA VAL C 11 18.58 -17.53 -13.20
C VAL C 11 19.45 -18.43 -12.33
N LYS C 12 18.85 -19.30 -11.50
CA LYS C 12 19.62 -20.17 -10.61
C LYS C 12 19.06 -21.61 -10.48
N LYS C 13 19.86 -22.53 -9.91
CA LYS C 13 19.48 -23.93 -9.70
C LYS C 13 18.62 -24.12 -8.43
N PRO C 14 17.77 -25.17 -8.35
CA PRO C 14 16.94 -25.35 -7.16
C PRO C 14 17.69 -25.78 -5.90
N GLY C 15 18.11 -24.80 -5.11
CA GLY C 15 18.84 -25.01 -3.86
C GLY C 15 20.08 -24.14 -3.75
N SER C 16 19.93 -22.83 -4.00
CA SER C 16 21.06 -21.91 -3.96
C SER C 16 20.68 -20.53 -3.39
N SER C 17 21.66 -19.62 -3.23
CA SER C 17 21.43 -18.28 -2.70
C SER C 17 21.67 -17.21 -3.77
N VAL C 18 20.92 -16.10 -3.71
CA VAL C 18 21.05 -15.01 -4.67
C VAL C 18 20.68 -13.65 -4.07
N LYS C 19 21.56 -12.64 -4.21
CA LYS C 19 21.31 -11.29 -3.70
C LYS C 19 20.78 -10.37 -4.81
N VAL C 20 19.74 -9.58 -4.50
CA VAL C 20 19.12 -8.65 -5.43
C VAL C 20 19.33 -7.21 -4.95
N SER C 21 20.08 -6.41 -5.72
CA SER C 21 20.37 -5.02 -5.32
C SER C 21 19.24 -4.04 -5.64
N CYS C 22 18.88 -3.19 -4.66
CA CYS C 22 17.85 -2.18 -4.83
C CYS C 22 18.38 -0.80 -4.44
N LYS C 23 18.82 -0.02 -5.43
CA LYS C 23 19.40 1.33 -5.25
C LYS C 23 18.33 2.41 -5.11
N ALA C 24 18.65 3.53 -4.42
CA ALA C 24 17.68 4.59 -4.21
C ALA C 24 18.28 6.01 -4.41
N SER C 25 17.42 7.04 -4.60
CA SER C 25 17.84 8.44 -4.78
C SER C 25 17.66 9.25 -3.49
N SER C 30 15.85 10.65 2.72
CA SER C 30 15.69 10.50 4.16
C SER C 30 14.44 9.68 4.49
N SER C 31 14.53 8.79 5.50
CA SER C 31 13.44 7.96 6.03
C SER C 31 12.80 6.98 5.03
N TYR C 32 13.55 6.57 3.99
CA TYR C 32 13.02 5.60 3.02
C TYR C 32 12.96 4.22 3.67
N VAL C 33 11.83 3.52 3.55
CA VAL C 33 11.66 2.18 4.14
C VAL C 33 11.51 1.15 3.00
N ILE C 34 12.63 0.56 2.52
CA ILE C 34 12.59 -0.38 1.39
C ILE C 34 12.08 -1.76 1.75
N SER C 35 10.84 -2.06 1.38
CA SER C 35 10.22 -3.36 1.61
C SER C 35 10.36 -4.26 0.35
N TRP C 36 9.82 -5.51 0.35
CA TRP C 36 9.91 -6.41 -0.79
C TRP C 36 8.60 -7.19 -0.96
N VAL C 37 8.03 -7.19 -2.17
CA VAL C 37 6.79 -7.93 -2.42
C VAL C 37 6.90 -8.81 -3.66
N ARG C 38 6.90 -10.14 -3.48
CA ARG C 38 7.00 -11.09 -4.58
C ARG C 38 5.72 -11.19 -5.42
N GLN C 39 5.83 -11.69 -6.66
CA GLN C 39 4.69 -11.85 -7.55
C GLN C 39 4.63 -13.24 -8.12
N ALA C 40 3.78 -14.10 -7.56
CA ALA C 40 3.61 -15.45 -8.05
C ALA C 40 2.76 -15.39 -9.33
N PRO C 41 3.26 -15.96 -10.45
CA PRO C 41 2.50 -15.88 -11.71
C PRO C 41 1.07 -16.41 -11.60
N GLY C 42 0.11 -15.58 -11.98
CA GLY C 42 -1.30 -15.91 -11.90
C GLY C 42 -1.90 -15.45 -10.59
N GLN C 43 -1.30 -15.87 -9.48
CA GLN C 43 -1.75 -15.51 -8.14
C GLN C 43 -1.39 -14.05 -7.77
N GLY C 44 -2.03 -13.53 -6.72
CA GLY C 44 -1.80 -12.17 -6.26
C GLY C 44 -0.49 -11.96 -5.53
N LEU C 45 -0.13 -10.69 -5.31
CA LEU C 45 1.11 -10.31 -4.62
C LEU C 45 1.06 -10.68 -3.15
N GLU C 46 2.20 -11.03 -2.56
CA GLU C 46 2.30 -11.36 -1.14
C GLU C 46 3.58 -10.76 -0.60
N TRP C 47 3.46 -9.81 0.32
CA TRP C 47 4.60 -9.11 0.91
C TRP C 47 5.47 -10.02 1.77
N MET C 48 6.77 -9.70 1.84
CA MET C 48 7.70 -10.51 2.63
C MET C 48 8.67 -9.69 3.50
N GLY C 49 9.42 -8.75 2.93
CA GLY C 49 10.39 -7.96 3.69
C GLY C 49 9.99 -6.53 3.95
N GLY C 50 10.72 -5.85 4.84
CA GLY C 50 10.40 -4.46 5.17
C GLY C 50 11.43 -3.71 6.02
N ILE C 51 12.72 -3.81 5.65
CA ILE C 51 13.83 -3.15 6.35
C ILE C 51 13.78 -1.62 6.26
N ILE C 52 14.35 -0.97 7.28
CA ILE C 52 14.47 0.49 7.37
C ILE C 52 15.95 0.75 7.28
N PRO C 53 16.47 1.07 6.09
CA PRO C 53 17.93 1.24 5.93
C PRO C 53 18.63 2.13 6.96
N ILE C 54 17.96 3.17 7.46
CA ILE C 54 18.54 4.09 8.44
C ILE C 54 18.70 3.42 9.84
N ILE C 55 17.94 2.35 10.12
CA ILE C 55 18.07 1.64 11.39
C ILE C 55 18.83 0.29 11.22
N GLY C 56 18.64 -0.37 10.07
CA GLY C 56 19.32 -1.62 9.74
C GLY C 56 18.66 -2.91 10.20
N THR C 57 17.51 -2.80 10.89
CA THR C 57 16.80 -3.98 11.36
C THR C 57 15.70 -4.39 10.38
N ALA C 58 15.73 -5.64 9.94
CA ALA C 58 14.75 -6.16 8.99
C ALA C 58 13.73 -7.05 9.70
N ASN C 59 12.47 -6.62 9.74
CA ASN C 59 11.41 -7.40 10.38
C ASN C 59 10.51 -7.99 9.27
N TYR C 60 10.84 -9.24 8.87
CA TYR C 60 10.20 -10.03 7.80
C TYR C 60 8.88 -10.70 8.23
N ALA C 61 8.03 -11.05 7.26
CA ALA C 61 6.74 -11.70 7.44
C ALA C 61 6.89 -13.07 8.11
N PRO C 62 5.92 -13.50 8.95
CA PRO C 62 6.06 -14.80 9.65
C PRO C 62 6.20 -16.06 8.79
N LYS C 63 5.75 -16.02 7.51
CA LYS C 63 5.86 -17.20 6.66
C LYS C 63 7.27 -17.36 6.08
N PHE C 64 7.94 -16.25 5.71
CA PHE C 64 9.30 -16.34 5.18
C PHE C 64 10.33 -16.23 6.34
N GLN C 65 11.34 -15.32 6.28
CA GLN C 65 12.34 -15.05 7.32
C GLN C 65 13.43 -16.15 7.42
N ASP C 66 13.06 -17.41 7.21
CA ASP C 66 14.02 -18.52 7.28
C ASP C 66 14.80 -18.75 5.98
N THR C 67 14.43 -18.06 4.89
CA THR C 67 15.10 -18.12 3.58
C THR C 67 15.47 -16.72 3.05
N VAL C 68 14.77 -15.67 3.51
CA VAL C 68 15.01 -14.30 3.09
C VAL C 68 15.88 -13.58 4.11
N THR C 69 17.05 -13.08 3.67
CA THR C 69 17.94 -12.36 4.58
C THR C 69 18.24 -10.97 3.99
N ILE C 70 17.42 -9.99 4.34
CA ILE C 70 17.53 -8.63 3.85
C ILE C 70 18.45 -7.75 4.72
N THR C 71 19.49 -7.20 4.08
CA THR C 71 20.49 -6.34 4.70
C THR C 71 20.37 -4.86 4.26
N ALA C 72 21.06 -3.95 4.94
CA ALA C 72 21.00 -2.53 4.60
C ALA C 72 22.38 -1.94 4.32
N ASP C 73 22.68 -1.67 3.05
CA ASP C 73 23.94 -1.05 2.68
C ASP C 73 23.80 0.46 2.89
N LYS C 74 24.27 0.96 4.04
CA LYS C 74 24.15 2.37 4.39
C LYS C 74 25.14 3.29 3.66
N SER C 75 26.15 2.72 2.99
CA SER C 75 27.16 3.51 2.28
C SER C 75 26.61 4.14 1.01
N THR C 76 25.89 3.37 0.19
CA THR C 76 25.34 3.89 -1.06
C THR C 76 23.81 3.82 -1.15
N ASN C 77 23.13 3.76 0.02
CA ASN C 77 21.67 3.71 0.13
C ASN C 77 21.05 2.58 -0.73
N THR C 78 21.46 1.34 -0.46
CA THR C 78 21.02 0.18 -1.22
C THR C 78 20.53 -0.94 -0.29
N VAL C 79 19.53 -1.73 -0.71
CA VAL C 79 19.01 -2.83 0.08
C VAL C 79 19.05 -4.16 -0.70
N TYR C 80 19.67 -5.20 -0.13
CA TYR C 80 19.78 -6.50 -0.79
C TYR C 80 18.77 -7.50 -0.24
N MET C 81 18.30 -8.40 -1.11
CA MET C 81 17.36 -9.47 -0.74
C MET C 81 18.03 -10.79 -1.08
N GLU C 82 18.23 -11.67 -0.10
CA GLU C 82 18.87 -12.96 -0.36
C GLU C 82 17.92 -14.14 -0.17
N MET C 83 17.39 -14.66 -1.28
CA MET C 83 16.47 -15.79 -1.22
C MET C 83 17.22 -17.11 -1.34
N ARG C 84 17.58 -17.68 -0.19
CA ARG C 84 18.27 -18.97 -0.12
C ARG C 84 17.26 -20.14 -0.22
N SER C 85 17.74 -21.37 -0.47
CA SER C 85 16.89 -22.58 -0.57
C SER C 85 15.85 -22.43 -1.69
N LEU C 86 16.30 -22.05 -2.87
CA LEU C 86 15.44 -21.83 -4.04
C LEU C 86 14.78 -23.11 -4.57
N ARG C 87 13.70 -22.97 -5.38
CA ARG C 87 12.97 -24.08 -5.99
C ARG C 87 12.05 -23.59 -7.15
N SER C 88 11.29 -24.50 -7.80
CA SER C 88 10.37 -24.15 -8.87
C SER C 88 9.21 -23.27 -8.36
N GLU C 89 8.83 -23.41 -7.09
CA GLU C 89 7.80 -22.60 -6.47
C GLU C 89 8.30 -21.17 -6.24
N ASP C 90 9.61 -21.00 -5.98
CA ASP C 90 10.26 -19.70 -5.80
C ASP C 90 10.53 -18.96 -7.13
N THR C 91 10.26 -19.61 -8.29
CA THR C 91 10.43 -19.01 -9.61
C THR C 91 9.36 -17.93 -9.76
N ALA C 92 9.70 -16.67 -9.44
CA ALA C 92 8.73 -15.58 -9.49
C ALA C 92 9.40 -14.21 -9.76
N VAL C 93 8.60 -13.20 -10.14
CA VAL C 93 9.13 -11.85 -10.37
C VAL C 93 9.10 -11.14 -9.02
N TYR C 94 10.25 -10.62 -8.57
CA TYR C 94 10.32 -9.97 -7.27
C TYR C 94 10.55 -8.46 -7.40
N TYR C 95 9.91 -7.64 -6.54
CA TYR C 95 10.07 -6.18 -6.58
C TYR C 95 10.46 -5.58 -5.23
N CYS C 96 11.29 -4.54 -5.24
CA CYS C 96 11.63 -3.81 -4.02
C CYS C 96 10.76 -2.56 -3.99
N ALA C 97 10.15 -2.26 -2.83
CA ALA C 97 9.21 -1.15 -2.74
C ALA C 97 9.30 -0.29 -1.48
N SER C 98 9.71 0.96 -1.64
CA SER C 98 9.75 1.91 -0.55
C SER C 98 8.35 2.56 -0.41
N ASN C 99 8.17 3.45 0.57
CA ASN C 99 6.92 4.18 0.72
C ASN C 99 7.27 5.67 0.58
N VAL C 100 6.59 6.36 -0.34
CA VAL C 100 6.86 7.78 -0.62
C VAL C 100 5.61 8.46 -1.19
N GLN C 101 5.53 9.78 -1.04
CA GLN C 101 4.44 10.56 -1.61
C GLN C 101 4.77 12.03 -1.69
N LEU C 102 5.98 12.33 -2.21
CA LEU C 102 6.51 13.69 -2.36
C LEU C 102 6.89 14.34 -1.02
N GLN C 103 6.22 13.95 0.07
CA GLN C 103 6.47 14.41 1.42
C GLN C 103 5.89 13.45 2.46
N ARG C 104 4.80 12.76 2.14
CA ARG C 104 4.16 11.83 3.07
C ARG C 104 4.87 10.47 3.16
N ARG C 105 4.66 9.74 4.28
CA ARG C 105 5.16 8.39 4.52
C ARG C 105 4.07 7.65 5.26
N GLY C 106 3.72 6.45 4.81
CA GLY C 106 2.63 5.70 5.44
C GLY C 106 2.59 4.21 5.20
N ASN C 107 1.39 3.63 5.29
CA ASN C 107 1.15 2.20 5.13
C ASN C 107 0.75 1.89 3.69
N TRP C 108 1.73 1.92 2.79
CA TRP C 108 1.53 1.71 1.37
C TRP C 108 2.85 1.33 0.67
N PHE C 109 2.83 1.20 -0.65
CA PHE C 109 4.03 0.95 -1.43
C PHE C 109 4.06 1.90 -2.65
N ASP C 110 5.23 2.44 -2.99
CA ASP C 110 5.49 3.38 -4.09
C ASP C 110 6.83 4.06 -3.80
N PRO C 111 7.78 4.14 -4.75
CA PRO C 111 7.75 3.57 -6.08
C PRO C 111 8.15 2.10 -6.07
N TRP C 112 8.20 1.46 -7.24
CA TRP C 112 8.55 0.04 -7.33
C TRP C 112 9.71 -0.19 -8.30
N GLY C 113 10.41 -1.29 -8.11
CA GLY C 113 11.52 -1.65 -8.98
C GLY C 113 11.06 -2.27 -10.29
N GLN C 114 12.00 -2.48 -11.20
CA GLN C 114 11.71 -3.05 -12.52
C GLN C 114 11.26 -4.52 -12.46
N GLY C 115 11.79 -5.26 -11.50
CA GLY C 115 11.41 -6.66 -11.32
C GLY C 115 12.49 -7.65 -11.68
N THR C 116 13.18 -8.21 -10.67
CA THR C 116 14.24 -9.19 -10.88
C THR C 116 13.63 -10.54 -11.29
N LEU C 117 13.97 -11.02 -12.49
CA LEU C 117 13.44 -12.28 -13.00
C LEU C 117 14.19 -13.43 -12.33
N VAL C 118 13.57 -14.06 -11.34
CA VAL C 118 14.20 -15.17 -10.63
C VAL C 118 13.73 -16.48 -11.24
N THR C 119 14.37 -16.92 -12.32
CA THR C 119 13.98 -18.18 -12.96
C THR C 119 14.75 -19.33 -12.32
N VAL C 120 14.05 -20.15 -11.52
CA VAL C 120 14.71 -21.26 -10.83
C VAL C 120 14.25 -22.61 -11.38
N SER C 121 15.12 -23.27 -12.16
CA SER C 121 14.88 -24.59 -12.75
C SER C 121 16.18 -25.19 -13.30
N SER C 122 16.23 -26.51 -13.47
CA SER C 122 17.40 -27.19 -13.99
C SER C 122 17.50 -27.07 -15.51
N ALA C 123 18.14 -26.00 -16.01
CA ALA C 123 18.31 -25.74 -17.45
C ALA C 123 19.43 -24.72 -17.74
N SER C 124 19.96 -24.69 -18.98
CA SER C 124 21.02 -23.74 -19.35
C SER C 124 20.84 -23.14 -20.77
N THR C 125 20.80 -24.00 -21.81
CA THR C 125 20.63 -23.57 -23.21
C THR C 125 19.88 -24.66 -24.00
N LYS C 126 18.55 -24.73 -23.79
CA LYS C 126 17.65 -25.72 -24.38
C LYS C 126 16.77 -25.13 -25.50
N GLY C 127 16.65 -25.87 -26.61
CA GLY C 127 15.82 -25.44 -27.73
C GLY C 127 14.96 -26.54 -28.30
N PRO C 128 13.80 -26.19 -28.86
CA PRO C 128 12.89 -27.22 -29.39
C PRO C 128 12.96 -27.40 -30.91
N SER C 129 12.34 -28.48 -31.40
CA SER C 129 12.24 -28.79 -32.83
C SER C 129 10.84 -28.31 -33.35
N VAL C 130 10.35 -28.80 -34.50
CA VAL C 130 9.04 -28.36 -35.01
C VAL C 130 7.95 -29.42 -34.82
N PHE C 131 7.05 -29.21 -33.85
CA PHE C 131 5.93 -30.11 -33.61
C PHE C 131 4.64 -29.36 -33.94
N PRO C 132 4.10 -29.55 -35.15
CA PRO C 132 2.92 -28.79 -35.56
C PRO C 132 1.57 -29.36 -35.09
N LEU C 133 0.50 -28.55 -35.22
CA LEU C 133 -0.86 -28.96 -34.87
C LEU C 133 -1.61 -29.34 -36.16
N ALA C 134 -1.85 -30.64 -36.35
CA ALA C 134 -2.48 -31.25 -37.52
C ALA C 134 -3.87 -30.71 -37.88
N PRO C 135 -4.04 -30.23 -39.11
CA PRO C 135 -5.36 -29.74 -39.53
C PRO C 135 -6.23 -30.88 -40.06
N SER C 136 -6.52 -31.87 -39.19
CA SER C 136 -7.30 -33.06 -39.53
C SER C 136 -8.74 -32.70 -39.90
N SER C 137 -9.04 -32.68 -41.20
CA SER C 137 -10.38 -32.35 -41.68
C SER C 137 -11.28 -33.58 -41.68
N GLY C 143 -16.73 -25.53 -42.46
CA GLY C 143 -15.55 -25.61 -43.29
C GLY C 143 -14.53 -24.54 -43.01
N THR C 144 -14.12 -24.41 -41.74
CA THR C 144 -13.13 -23.42 -41.32
C THR C 144 -11.99 -24.16 -40.61
N ALA C 145 -10.73 -23.74 -40.85
CA ALA C 145 -9.58 -24.39 -40.23
C ALA C 145 -8.70 -23.42 -39.44
N ALA C 146 -8.83 -23.41 -38.11
CA ALA C 146 -8.02 -22.56 -37.23
C ALA C 146 -6.73 -23.31 -36.87
N LEU C 147 -5.97 -23.69 -37.91
CA LEU C 147 -4.70 -24.44 -37.83
C LEU C 147 -3.54 -23.60 -37.27
N GLY C 148 -2.47 -24.26 -36.83
CA GLY C 148 -1.31 -23.58 -36.29
C GLY C 148 -0.18 -24.50 -35.90
N CYS C 149 0.78 -23.99 -35.12
CA CYS C 149 1.93 -24.78 -34.66
C CYS C 149 2.19 -24.60 -33.15
N LEU C 150 2.22 -25.72 -32.43
CA LEU C 150 2.41 -25.77 -30.98
C LEU C 150 3.86 -26.10 -30.59
N VAL C 151 4.42 -25.39 -29.60
CA VAL C 151 5.78 -25.61 -29.12
C VAL C 151 5.68 -26.20 -27.69
N LYS C 152 6.50 -27.21 -27.35
CA LYS C 152 6.40 -27.85 -26.03
C LYS C 152 7.45 -27.35 -24.99
N ASP C 153 8.73 -27.79 -25.03
CA ASP C 153 9.70 -27.36 -24.01
C ASP C 153 10.98 -26.73 -24.58
N TYR C 154 11.50 -25.71 -23.88
CA TYR C 154 12.71 -24.95 -24.24
C TYR C 154 13.15 -24.00 -23.10
N PHE C 155 14.37 -23.45 -23.18
CA PHE C 155 14.90 -22.51 -22.18
C PHE C 155 16.12 -21.75 -22.71
N PRO C 156 16.15 -20.40 -22.58
CA PRO C 156 15.13 -19.53 -22.01
C PRO C 156 14.13 -18.99 -23.05
N GLU C 157 13.00 -18.44 -22.57
CA GLU C 157 11.95 -17.90 -23.44
C GLU C 157 12.36 -16.53 -24.03
N PRO C 158 11.81 -16.12 -25.20
CA PRO C 158 10.79 -16.76 -26.03
C PRO C 158 11.33 -17.45 -27.29
N VAL C 159 10.43 -18.02 -28.10
CA VAL C 159 10.79 -18.66 -29.37
C VAL C 159 10.04 -17.98 -30.52
N THR C 160 10.72 -17.79 -31.66
CA THR C 160 10.10 -17.15 -32.82
C THR C 160 9.39 -18.18 -33.69
N VAL C 161 8.04 -18.18 -33.69
CA VAL C 161 7.24 -19.13 -34.47
C VAL C 161 6.27 -18.41 -35.41
N SER C 162 6.46 -18.53 -36.73
CA SER C 162 5.59 -17.91 -37.72
C SER C 162 5.45 -18.77 -38.99
N TRP C 163 4.39 -18.54 -39.78
CA TRP C 163 4.15 -19.33 -40.98
C TRP C 163 4.62 -18.64 -42.27
N ASN C 164 5.09 -19.44 -43.25
CA ASN C 164 5.56 -19.05 -44.58
C ASN C 164 6.74 -18.05 -44.63
N SER C 165 7.18 -17.52 -43.47
CA SER C 165 8.28 -16.56 -43.36
C SER C 165 8.12 -15.31 -44.24
N GLY C 166 6.89 -14.79 -44.34
CA GLY C 166 6.63 -13.61 -45.16
C GLY C 166 5.20 -13.13 -45.21
N ALA C 167 4.38 -13.74 -46.08
CA ALA C 167 2.99 -13.33 -46.26
C ALA C 167 1.99 -13.96 -45.28
N LEU C 168 2.46 -14.78 -44.34
CA LEU C 168 1.58 -15.42 -43.36
C LEU C 168 1.95 -15.08 -41.91
N THR C 169 2.70 -13.98 -41.69
CA THR C 169 3.10 -13.59 -40.34
C THR C 169 2.11 -12.66 -39.64
N SER C 170 0.86 -12.56 -40.14
CA SER C 170 -0.15 -11.71 -39.52
C SER C 170 -0.97 -12.49 -38.49
N GLY C 171 -0.30 -13.35 -37.72
CA GLY C 171 -0.90 -14.17 -36.69
C GLY C 171 0.13 -14.69 -35.70
N VAL C 172 0.81 -13.78 -34.99
CA VAL C 172 1.82 -14.16 -34.01
C VAL C 172 1.30 -13.99 -32.59
N HIS C 173 1.17 -15.09 -31.86
CA HIS C 173 0.67 -15.08 -30.48
C HIS C 173 1.71 -15.68 -29.54
N THR C 174 1.83 -15.14 -28.32
CA THR C 174 2.77 -15.67 -27.33
C THR C 174 2.09 -16.04 -26.03
N PHE C 175 2.10 -17.33 -25.69
CA PHE C 175 1.52 -17.79 -24.44
C PHE C 175 2.47 -17.54 -23.29
N PRO C 176 1.99 -16.92 -22.21
CA PRO C 176 2.87 -16.59 -21.07
C PRO C 176 3.42 -17.81 -20.28
N ALA C 177 4.34 -17.53 -19.33
CA ALA C 177 5.03 -18.50 -18.48
C ALA C 177 4.12 -19.56 -17.87
N VAL C 178 4.27 -20.81 -18.33
CA VAL C 178 3.48 -21.94 -17.82
C VAL C 178 4.06 -22.39 -16.47
N LEU C 179 3.53 -21.86 -15.37
CA LEU C 179 4.00 -22.18 -14.02
C LEU C 179 3.52 -23.57 -13.60
N GLN C 180 4.42 -24.55 -13.64
CA GLN C 180 4.10 -25.93 -13.26
C GLN C 180 5.24 -26.54 -12.40
N SER C 181 5.37 -27.89 -12.32
CA SER C 181 6.41 -28.54 -11.54
C SER C 181 7.82 -28.20 -12.04
N SER C 182 7.98 -27.90 -13.33
CA SER C 182 9.25 -27.52 -13.95
C SER C 182 9.22 -26.06 -14.51
N GLY C 183 10.35 -25.58 -15.02
CA GLY C 183 10.44 -24.22 -15.56
C GLY C 183 10.75 -24.12 -17.04
N LEU C 184 10.51 -25.20 -17.81
CA LEU C 184 10.76 -25.19 -19.26
C LEU C 184 9.55 -24.54 -19.96
N TYR C 185 9.69 -23.25 -20.33
CA TYR C 185 8.65 -22.42 -20.97
C TYR C 185 7.90 -23.09 -22.14
N SER C 186 6.66 -22.62 -22.41
CA SER C 186 5.82 -23.18 -23.48
C SER C 186 4.87 -22.14 -24.11
N LEU C 187 5.21 -21.62 -25.29
CA LEU C 187 4.33 -20.66 -25.98
C LEU C 187 3.77 -21.23 -27.28
N SER C 188 2.59 -20.76 -27.71
CA SER C 188 1.98 -21.25 -28.95
C SER C 188 1.72 -20.10 -29.91
N SER C 189 1.84 -20.35 -31.23
CA SER C 189 1.60 -19.31 -32.24
C SER C 189 0.87 -19.90 -33.46
N VAL C 190 -0.43 -19.59 -33.61
CA VAL C 190 -1.24 -20.08 -34.72
C VAL C 190 -1.66 -18.96 -35.69
N VAL C 191 -2.09 -19.33 -36.91
CA VAL C 191 -2.55 -18.37 -37.94
C VAL C 191 -3.61 -19.01 -38.86
N THR C 192 -4.86 -18.50 -38.81
CA THR C 192 -5.96 -19.02 -39.62
C THR C 192 -5.83 -18.63 -41.10
N VAL C 193 -5.37 -19.58 -41.93
CA VAL C 193 -5.15 -19.38 -43.37
C VAL C 193 -5.82 -20.50 -44.19
N PRO C 194 -6.16 -20.26 -45.48
CA PRO C 194 -6.81 -21.29 -46.29
C PRO C 194 -6.19 -22.70 -46.23
N SER C 195 -7.00 -23.70 -45.86
CA SER C 195 -6.54 -25.08 -45.71
C SER C 195 -6.72 -25.94 -46.97
N SER C 196 -6.92 -25.32 -48.15
CA SER C 196 -7.07 -26.07 -49.40
C SER C 196 -5.78 -26.05 -50.21
N SER C 197 -4.64 -26.16 -49.53
CA SER C 197 -3.34 -26.16 -50.16
C SER C 197 -2.31 -26.87 -49.27
N LEU C 198 -2.27 -28.21 -49.32
CA LEU C 198 -1.33 -29.00 -48.53
C LEU C 198 -0.16 -29.60 -49.34
N GLY C 199 -0.21 -29.48 -50.66
CA GLY C 199 0.83 -30.02 -51.54
C GLY C 199 1.48 -28.96 -52.42
N THR C 200 0.66 -28.06 -53.01
CA THR C 200 1.17 -26.99 -53.86
C THR C 200 1.90 -25.94 -53.01
N GLN C 201 1.19 -25.34 -52.04
CA GLN C 201 1.80 -24.37 -51.12
C GLN C 201 2.07 -25.16 -49.84
N THR C 202 3.01 -26.12 -49.93
CA THR C 202 3.42 -27.03 -48.85
C THR C 202 3.60 -26.34 -47.51
N TYR C 203 2.71 -26.66 -46.55
CA TYR C 203 2.74 -26.06 -45.22
C TYR C 203 3.93 -26.54 -44.39
N ILE C 204 4.96 -25.69 -44.27
CA ILE C 204 6.16 -25.99 -43.49
C ILE C 204 6.39 -24.83 -42.50
N CYS C 205 5.79 -24.92 -41.29
CA CYS C 205 5.94 -23.83 -40.31
C CYS C 205 7.32 -23.82 -39.65
N ASN C 206 7.78 -22.63 -39.25
CA ASN C 206 9.10 -22.49 -38.66
C ASN C 206 9.05 -22.29 -37.14
N VAL C 207 9.77 -23.14 -36.38
CA VAL C 207 9.88 -23.01 -34.93
C VAL C 207 11.37 -22.87 -34.64
N ASN C 208 11.81 -21.65 -34.26
CA ASN C 208 13.23 -21.39 -34.04
C ASN C 208 13.60 -20.92 -32.63
N HIS C 209 14.71 -21.44 -32.10
CA HIS C 209 15.23 -21.06 -30.81
C HIS C 209 16.59 -20.42 -31.05
N LYS C 210 16.79 -19.19 -30.56
CA LYS C 210 18.04 -18.48 -30.78
C LYS C 210 19.17 -18.81 -29.76
N PRO C 211 18.95 -18.85 -28.42
CA PRO C 211 20.07 -19.18 -27.51
C PRO C 211 20.71 -20.56 -27.69
N SER C 212 19.98 -21.51 -28.30
CA SER C 212 20.52 -22.85 -28.54
C SER C 212 21.00 -23.08 -29.99
N ASN C 213 20.94 -22.04 -30.85
CA ASN C 213 21.36 -22.08 -32.25
C ASN C 213 20.47 -23.04 -33.11
N THR C 214 20.87 -23.31 -34.38
CA THR C 214 20.21 -24.19 -35.37
C THR C 214 18.80 -23.71 -35.78
N LYS C 215 18.42 -23.99 -37.03
CA LYS C 215 17.13 -23.60 -37.59
C LYS C 215 16.42 -24.83 -38.19
N VAL C 216 15.21 -25.16 -37.67
CA VAL C 216 14.45 -26.31 -38.15
C VAL C 216 13.08 -25.91 -38.73
N ASP C 217 12.59 -26.67 -39.72
CA ASP C 217 11.30 -26.43 -40.39
C ASP C 217 10.59 -27.77 -40.70
N LYS C 218 9.41 -28.04 -40.11
CA LYS C 218 8.70 -29.31 -40.34
C LYS C 218 7.34 -29.14 -41.04
N ARG C 219 6.87 -30.20 -41.74
CA ARG C 219 5.60 -30.21 -42.48
C ARG C 219 4.34 -30.32 -41.60
N VAL C 220 3.20 -29.79 -42.11
CA VAL C 220 1.90 -29.77 -41.43
C VAL C 220 0.84 -30.50 -42.27
N GLU C 221 0.48 -31.73 -41.88
CA GLU C 221 -0.51 -32.56 -42.59
C GLU C 221 -1.58 -33.07 -41.61
N PRO C 222 -2.84 -33.30 -42.05
CA PRO C 222 -3.85 -33.84 -41.12
C PRO C 222 -3.52 -35.25 -40.61
N LYS C 223 -4.18 -35.72 -39.54
CA LYS C 223 -3.91 -37.04 -38.98
C LYS C 223 -4.02 -38.19 -40.00
N SER C 224 -3.08 -39.15 -39.93
CA SER C 224 -3.05 -40.30 -40.83
C SER C 224 -2.54 -41.55 -40.13
N ALA D 3 -4.48 -13.32 3.71
CA ALA D 3 -5.07 -12.74 2.50
C ALA D 3 -6.39 -12.04 2.80
N LEU D 4 -6.75 -11.06 1.96
CA LEU D 4 -7.97 -10.29 2.12
C LEU D 4 -9.09 -10.83 1.23
N THR D 5 -10.32 -10.86 1.76
CA THR D 5 -11.49 -11.36 1.01
C THR D 5 -11.87 -10.39 -0.12
N GLN D 6 -11.33 -10.63 -1.31
CA GLN D 6 -11.59 -9.75 -2.45
C GLN D 6 -11.93 -10.53 -3.71
N PRO D 7 -13.10 -10.24 -4.32
CA PRO D 7 -13.47 -10.94 -5.55
C PRO D 7 -12.74 -10.41 -6.79
N ALA D 8 -12.87 -11.14 -7.92
CA ALA D 8 -12.21 -10.77 -9.17
C ALA D 8 -13.18 -10.42 -10.30
N SER D 9 -14.37 -11.01 -10.27
CA SER D 9 -15.38 -10.80 -11.31
C SER D 9 -16.05 -9.42 -11.28
N VAL D 10 -15.39 -8.40 -11.87
CA VAL D 10 -15.98 -7.07 -11.95
C VAL D 10 -16.03 -6.61 -13.40
N SER D 11 -17.24 -6.40 -13.92
CA SER D 11 -17.46 -6.00 -15.30
C SER D 11 -18.74 -5.16 -15.46
N GLY D 12 -18.76 -4.31 -16.47
CA GLY D 12 -19.91 -3.46 -16.73
C GLY D 12 -19.72 -2.55 -17.93
N SER D 13 -20.66 -1.63 -18.14
CA SER D 13 -20.62 -0.68 -19.24
C SER D 13 -19.68 0.50 -18.93
N PRO D 14 -19.12 1.18 -19.95
CA PRO D 14 -18.21 2.32 -19.67
C PRO D 14 -18.86 3.53 -19.01
N GLY D 15 -20.17 3.67 -19.17
CA GLY D 15 -20.95 4.76 -18.58
C GLY D 15 -21.63 4.33 -17.30
N GLN D 16 -20.91 3.55 -16.48
CA GLN D 16 -21.40 3.02 -15.20
C GLN D 16 -20.31 3.11 -14.13
N SER D 17 -20.71 3.09 -12.85
CA SER D 17 -19.77 3.11 -11.73
C SER D 17 -19.61 1.72 -11.12
N ILE D 18 -18.48 1.46 -10.44
CA ILE D 18 -18.22 0.16 -9.82
C ILE D 18 -17.61 0.27 -8.42
N THR D 19 -17.79 -0.78 -7.61
CA THR D 19 -17.28 -0.88 -6.24
C THR D 19 -16.69 -2.28 -5.98
N ILE D 20 -15.41 -2.34 -5.56
CA ILE D 20 -14.73 -3.61 -5.29
C ILE D 20 -14.68 -3.85 -3.79
N SER D 21 -15.34 -4.91 -3.29
CA SER D 21 -15.32 -5.22 -1.86
C SER D 21 -13.97 -5.76 -1.38
N CYS D 22 -13.59 -5.39 -0.15
CA CYS D 22 -12.32 -5.80 0.44
C CYS D 22 -12.54 -5.99 1.93
N THR D 23 -13.16 -7.12 2.31
CA THR D 23 -13.48 -7.38 3.71
C THR D 23 -12.35 -8.09 4.45
N GLY D 24 -11.91 -7.48 5.54
CA GLY D 24 -10.88 -8.05 6.40
C GLY D 24 -11.40 -8.36 7.78
N THR D 25 -10.52 -8.43 8.78
CA THR D 25 -10.95 -8.72 10.15
C THR D 25 -11.68 -7.52 10.74
N SER D 26 -12.59 -7.76 11.69
CA SER D 26 -13.34 -6.69 12.35
C SER D 26 -12.46 -5.72 13.15
N SER D 27 -11.22 -6.10 13.44
CA SER D 27 -10.29 -5.27 14.18
C SER D 27 -9.22 -4.59 13.30
N ASP D 28 -9.17 -4.91 11.99
CA ASP D 28 -8.14 -4.33 11.12
C ASP D 28 -8.70 -3.58 9.89
N ILE D 29 -9.98 -3.20 9.92
CA ILE D 29 -10.61 -2.41 8.87
C ILE D 29 -11.43 -1.31 9.55
N GLY D 30 -12.28 -1.71 10.49
CA GLY D 30 -13.12 -0.78 11.24
C GLY D 30 -12.40 -0.04 12.34
N ASP D 31 -11.33 -0.63 12.87
CA ASP D 31 -10.56 0.00 13.94
C ASP D 31 -9.34 0.74 13.39
N TYR D 32 -8.57 0.11 12.49
CA TYR D 32 -7.37 0.71 11.91
C TYR D 32 -7.58 0.95 10.41
N ASN D 33 -7.30 2.18 9.92
CA ASN D 33 -7.54 2.50 8.50
C ASN D 33 -6.30 2.92 7.70
N PHE D 34 -5.72 1.95 6.96
CA PHE D 34 -4.52 2.16 6.15
C PHE D 34 -4.59 1.43 4.79
N VAL D 35 -5.81 1.15 4.27
CA VAL D 35 -6.05 0.37 3.03
C VAL D 35 -5.61 1.06 1.71
N SER D 36 -4.59 0.48 1.04
CA SER D 36 -3.99 1.02 -0.19
C SER D 36 -4.26 0.16 -1.42
N TRP D 37 -4.56 0.83 -2.53
CA TRP D 37 -4.94 0.17 -3.79
C TRP D 37 -3.91 0.36 -4.93
N TYR D 38 -3.73 -0.70 -5.75
CA TYR D 38 -2.73 -0.72 -6.84
C TYR D 38 -3.37 -1.10 -8.19
N GLN D 39 -2.63 -0.91 -9.32
CA GLN D 39 -3.13 -1.24 -10.66
C GLN D 39 -2.09 -1.98 -11.49
N GLN D 40 -2.31 -3.28 -11.77
CA GLN D 40 -1.34 -4.06 -12.53
C GLN D 40 -1.75 -4.28 -13.98
N HIS D 41 -1.22 -3.45 -14.88
CA HIS D 41 -1.42 -3.53 -16.33
C HIS D 41 -0.66 -4.78 -16.84
N PRO D 42 -1.18 -5.47 -17.87
CA PRO D 42 -0.51 -6.68 -18.36
C PRO D 42 1.00 -6.56 -18.59
N GLY D 43 1.75 -7.34 -17.82
CA GLY D 43 3.20 -7.37 -17.91
C GLY D 43 3.88 -6.12 -17.41
N LYS D 44 3.35 -5.52 -16.34
CA LYS D 44 3.93 -4.31 -15.77
C LYS D 44 4.01 -4.35 -14.24
N ALA D 45 4.86 -3.50 -13.64
CA ALA D 45 5.02 -3.41 -12.18
C ALA D 45 3.84 -2.63 -11.60
N PRO D 46 3.33 -3.02 -10.40
CA PRO D 46 2.18 -2.31 -9.83
C PRO D 46 2.35 -0.80 -9.69
N LYS D 47 1.24 -0.08 -9.81
CA LYS D 47 1.22 1.38 -9.75
C LYS D 47 0.31 1.82 -8.62
N LEU D 48 0.78 2.73 -7.76
CA LEU D 48 -0.04 3.19 -6.63
C LEU D 48 -1.24 3.98 -7.11
N MET D 49 -2.43 3.57 -6.66
CA MET D 49 -3.70 4.20 -7.04
C MET D 49 -4.37 4.92 -5.88
N ILE D 50 -4.46 4.25 -4.71
CA ILE D 50 -5.09 4.74 -3.47
C ILE D 50 -4.19 4.40 -2.22
N PHE D 51 -4.26 5.22 -1.17
CA PHE D 51 -3.50 4.96 0.05
C PHE D 51 -4.21 5.51 1.28
N ASP D 52 -4.00 4.87 2.44
CA ASP D 52 -4.58 5.27 3.73
C ASP D 52 -6.09 5.46 3.66
N VAL D 53 -6.77 4.49 3.03
CA VAL D 53 -8.20 4.37 2.78
C VAL D 53 -8.68 5.37 1.72
N THR D 54 -8.51 6.68 1.95
CA THR D 54 -9.00 7.69 0.99
C THR D 54 -7.92 8.71 0.58
N ASN D 55 -7.15 8.46 -0.48
CA ASN D 55 -6.15 9.43 -0.94
C ASN D 55 -5.50 9.02 -2.24
N ARG D 56 -5.23 10.00 -3.09
CA ARG D 56 -4.62 9.75 -4.39
C ARG D 56 -3.33 10.51 -4.53
N PRO D 57 -2.35 9.91 -5.20
CA PRO D 57 -1.11 10.64 -5.48
C PRO D 57 -1.27 11.66 -6.62
N SER D 58 -0.30 12.57 -6.78
CA SER D 58 -0.39 13.56 -7.87
C SER D 58 -0.02 12.91 -9.20
N GLY D 59 -1.02 12.39 -9.88
CA GLY D 59 -0.87 11.69 -11.15
C GLY D 59 -2.06 10.78 -11.43
N VAL D 60 -2.67 10.24 -10.37
CA VAL D 60 -3.84 9.38 -10.44
C VAL D 60 -5.03 10.28 -10.74
N SER D 61 -5.81 9.94 -11.77
CA SER D 61 -6.97 10.74 -12.16
C SER D 61 -8.04 10.74 -11.08
N ASN D 62 -8.84 11.81 -11.05
CA ASN D 62 -9.94 11.95 -10.08
C ASN D 62 -11.05 10.89 -10.23
N ARG D 63 -10.91 9.96 -11.19
CA ARG D 63 -11.87 8.89 -11.40
C ARG D 63 -11.92 7.97 -10.19
N PHE D 64 -10.75 7.67 -9.60
CA PHE D 64 -10.65 6.80 -8.43
C PHE D 64 -11.11 7.47 -7.14
N SER D 65 -11.86 6.73 -6.32
CA SER D 65 -12.39 7.25 -5.05
C SER D 65 -12.40 6.13 -3.98
N GLY D 66 -11.60 6.28 -2.94
CA GLY D 66 -11.53 5.28 -1.88
C GLY D 66 -12.71 5.38 -0.93
N SER D 67 -12.95 4.30 -0.15
CA SER D 67 -14.05 4.29 0.81
C SER D 67 -13.90 3.18 1.87
N LYS D 68 -14.54 3.39 3.03
CA LYS D 68 -14.52 2.44 4.14
C LYS D 68 -15.92 2.36 4.71
N SER D 69 -16.59 1.23 4.53
CA SER D 69 -17.94 1.05 5.02
C SER D 69 -17.94 0.01 6.15
N GLY D 70 -17.57 0.46 7.35
CA GLY D 70 -17.51 -0.43 8.50
C GLY D 70 -16.37 -1.41 8.38
N ASN D 71 -16.67 -2.65 7.99
CA ASN D 71 -15.63 -3.68 7.82
C ASN D 71 -15.32 -4.01 6.36
N THR D 72 -15.90 -3.29 5.40
CA THR D 72 -15.65 -3.53 3.98
C THR D 72 -15.19 -2.27 3.27
N ALA D 73 -13.97 -2.29 2.73
CA ALA D 73 -13.44 -1.15 1.98
C ALA D 73 -13.71 -1.33 0.49
N SER D 74 -13.99 -0.23 -0.24
CA SER D 74 -14.30 -0.34 -1.66
C SER D 74 -13.70 0.75 -2.53
N LEU D 75 -13.25 0.37 -3.71
CA LEU D 75 -12.70 1.30 -4.68
C LEU D 75 -13.85 1.72 -5.60
N THR D 76 -14.06 3.03 -5.81
CA THR D 76 -15.16 3.49 -6.66
C THR D 76 -14.67 4.18 -7.94
N ILE D 77 -14.80 3.50 -9.09
CA ILE D 77 -14.36 4.07 -10.36
C ILE D 77 -15.57 4.57 -11.14
N SER D 78 -15.91 5.88 -11.00
CA SER D 78 -17.04 6.46 -11.72
C SER D 78 -16.56 7.08 -13.03
N GLY D 79 -17.31 6.85 -14.11
CA GLY D 79 -16.92 7.33 -15.43
C GLY D 79 -15.73 6.53 -15.90
N LEU D 80 -15.98 5.26 -16.26
CA LEU D 80 -14.93 4.34 -16.66
C LEU D 80 -14.19 4.74 -17.94
N GLN D 81 -12.93 4.33 -18.02
CA GLN D 81 -12.08 4.61 -19.17
C GLN D 81 -11.63 3.34 -19.90
N VAL D 82 -11.24 3.48 -21.17
CA VAL D 82 -10.83 2.36 -22.01
C VAL D 82 -9.46 1.78 -21.64
N GLU D 83 -8.62 2.54 -20.92
CA GLU D 83 -7.30 2.05 -20.54
C GLU D 83 -7.25 1.61 -19.08
N ASP D 84 -8.30 0.93 -18.61
CA ASP D 84 -8.39 0.45 -17.24
C ASP D 84 -8.54 -1.06 -17.12
N GLU D 85 -8.10 -1.82 -18.13
CA GLU D 85 -8.18 -3.29 -18.08
C GLU D 85 -6.94 -3.81 -17.38
N ALA D 86 -6.97 -3.87 -16.04
CA ALA D 86 -5.83 -4.27 -15.21
C ALA D 86 -6.28 -4.91 -13.86
N ASP D 87 -5.36 -5.53 -13.09
CA ASP D 87 -5.72 -6.12 -11.80
C ASP D 87 -5.73 -5.05 -10.71
N TYR D 88 -6.76 -5.04 -9.83
CA TYR D 88 -6.89 -4.08 -8.73
C TYR D 88 -6.81 -4.74 -7.34
N TYR D 89 -5.86 -4.30 -6.49
CA TYR D 89 -5.63 -4.86 -5.14
C TYR D 89 -5.90 -3.83 -4.02
N CYS D 90 -6.13 -4.32 -2.78
CA CYS D 90 -6.31 -3.52 -1.57
C CYS D 90 -5.36 -4.09 -0.49
N SER D 91 -4.75 -3.21 0.34
CA SER D 91 -3.77 -3.67 1.31
C SER D 91 -3.67 -2.87 2.61
N SER D 92 -4.20 -3.43 3.70
CA SER D 92 -4.12 -2.79 5.02
C SER D 92 -2.97 -3.41 5.80
N TYR D 93 -2.15 -2.58 6.44
CA TYR D 93 -1.08 -3.08 7.30
C TYR D 93 -1.80 -3.50 8.59
N THR D 94 -2.28 -4.74 8.65
CA THR D 94 -3.00 -5.23 9.83
C THR D 94 -2.08 -5.22 11.05
N SER D 95 -2.49 -4.51 12.09
CA SER D 95 -1.70 -4.37 13.31
C SER D 95 -1.86 -5.58 14.23
N THR D 96 -1.72 -6.79 13.67
CA THR D 96 -1.84 -8.06 14.39
C THR D 96 -0.55 -8.93 14.13
N ASN D 97 -0.60 -10.28 14.26
CA ASN D 97 0.55 -11.17 14.02
C ASN D 97 1.04 -11.02 12.59
N THR D 98 0.12 -10.86 11.63
CA THR D 98 0.46 -10.66 10.22
C THR D 98 0.68 -9.17 10.02
N PRO D 99 1.87 -8.77 9.54
CA PRO D 99 2.15 -7.35 9.39
C PRO D 99 1.48 -6.67 8.19
N VAL D 100 1.58 -7.24 6.97
CA VAL D 100 0.95 -6.64 5.79
C VAL D 100 0.05 -7.65 5.05
N VAL D 101 -1.22 -7.29 4.81
CA VAL D 101 -2.17 -8.19 4.15
C VAL D 101 -2.68 -7.66 2.78
N PHE D 102 -2.46 -8.45 1.71
CA PHE D 102 -2.85 -8.14 0.32
C PHE D 102 -4.19 -8.78 -0.05
N GLY D 103 -4.86 -8.22 -1.06
CA GLY D 103 -6.12 -8.75 -1.55
C GLY D 103 -5.96 -9.90 -2.51
N GLY D 104 -7.09 -10.37 -3.04
CA GLY D 104 -7.11 -11.49 -3.98
C GLY D 104 -6.78 -11.11 -5.42
N GLY D 105 -7.02 -9.87 -5.77
CA GLY D 105 -6.75 -9.39 -7.12
C GLY D 105 -7.98 -9.40 -8.00
N THR D 106 -8.57 -8.22 -8.24
CA THR D 106 -9.78 -8.08 -9.04
C THR D 106 -9.46 -7.81 -10.51
N LYS D 107 -9.84 -8.73 -11.39
CA LYS D 107 -9.63 -8.56 -12.82
C LYS D 107 -10.70 -7.66 -13.38
N LEU D 108 -10.31 -6.46 -13.83
CA LEU D 108 -11.28 -5.51 -14.36
C LEU D 108 -11.40 -5.59 -15.87
N THR D 109 -12.48 -6.20 -16.34
CA THR D 109 -12.75 -6.32 -17.76
C THR D 109 -13.96 -5.47 -18.08
N VAL D 110 -13.74 -4.22 -18.52
CA VAL D 110 -14.83 -3.31 -18.86
C VAL D 110 -15.43 -3.78 -20.19
N LEU D 111 -16.51 -4.59 -20.14
CA LEU D 111 -17.13 -5.14 -21.35
C LEU D 111 -17.68 -4.08 -22.30
N GLY D 112 -17.06 -3.98 -23.47
CA GLY D 112 -17.47 -3.01 -24.47
C GLY D 112 -17.36 -3.53 -25.89
N GLN D 113 -16.38 -4.39 -26.16
CA GLN D 113 -16.18 -4.94 -27.50
C GLN D 113 -17.04 -6.17 -27.75
N PRO D 114 -17.64 -6.29 -28.95
CA PRO D 114 -18.48 -7.45 -29.25
C PRO D 114 -17.68 -8.74 -29.39
N LYS D 115 -18.25 -9.84 -28.89
CA LYS D 115 -17.62 -11.16 -28.91
C LYS D 115 -18.02 -11.95 -30.16
N ALA D 116 -17.18 -12.91 -30.56
CA ALA D 116 -17.47 -13.74 -31.72
C ALA D 116 -18.10 -15.08 -31.34
N ALA D 117 -18.83 -15.71 -32.28
CA ALA D 117 -19.49 -16.99 -32.05
C ALA D 117 -18.47 -18.11 -31.85
N PRO D 118 -18.49 -18.77 -30.69
CA PRO D 118 -17.50 -19.82 -30.41
C PRO D 118 -17.75 -21.13 -31.16
N SER D 119 -16.67 -21.83 -31.50
CA SER D 119 -16.72 -23.11 -32.19
C SER D 119 -15.46 -23.89 -31.80
N VAL D 120 -15.62 -24.94 -30.98
CA VAL D 120 -14.48 -25.72 -30.49
C VAL D 120 -14.43 -27.13 -31.13
N THR D 121 -13.22 -27.64 -31.40
CA THR D 121 -12.98 -28.96 -32.00
C THR D 121 -11.61 -29.48 -31.52
N LEU D 122 -11.51 -30.77 -31.14
CA LEU D 122 -10.25 -31.38 -30.68
C LEU D 122 -9.22 -31.51 -31.81
N PHE D 123 -7.91 -31.50 -31.49
CA PHE D 123 -6.84 -31.59 -32.49
C PHE D 123 -6.15 -32.96 -32.45
N PRO D 124 -6.47 -33.87 -33.39
CA PRO D 124 -5.84 -35.20 -33.36
C PRO D 124 -4.46 -35.28 -34.00
N PRO D 125 -3.54 -36.03 -33.36
CA PRO D 125 -2.18 -36.14 -33.90
C PRO D 125 -2.09 -36.96 -35.19
N SER D 126 -1.39 -36.41 -36.18
CA SER D 126 -1.18 -37.02 -37.49
C SER D 126 -0.22 -38.24 -37.46
N SER D 127 0.05 -38.87 -38.62
CA SER D 127 0.97 -40.02 -38.73
C SER D 127 2.40 -39.64 -38.32
N GLU D 128 2.78 -38.37 -38.49
CA GLU D 128 4.11 -37.88 -38.10
C GLU D 128 4.27 -37.79 -36.56
N GLU D 129 3.16 -37.65 -35.82
CA GLU D 129 3.20 -37.55 -34.37
C GLU D 129 2.65 -38.79 -33.63
N LEU D 130 2.46 -39.91 -34.34
CA LEU D 130 2.00 -41.15 -33.71
C LEU D 130 3.22 -41.96 -33.25
N GLN D 131 4.26 -42.02 -34.09
CA GLN D 131 5.51 -42.72 -33.75
C GLN D 131 6.41 -41.86 -32.84
N ALA D 132 6.29 -40.53 -32.91
CA ALA D 132 7.08 -39.61 -32.07
C ALA D 132 6.55 -39.49 -30.63
N ASN D 133 5.39 -40.11 -30.32
CA ASN D 133 4.74 -40.14 -29.01
C ASN D 133 4.44 -38.76 -28.43
N LYS D 134 3.95 -37.84 -29.27
CA LYS D 134 3.60 -36.48 -28.83
C LYS D 134 2.14 -36.17 -29.14
N ALA D 135 1.23 -37.07 -28.72
CA ALA D 135 -0.21 -36.94 -28.93
C ALA D 135 -0.78 -35.80 -28.10
N THR D 136 -1.12 -34.68 -28.74
CA THR D 136 -1.65 -33.51 -28.02
C THR D 136 -2.93 -32.98 -28.67
N LEU D 137 -4.00 -32.83 -27.88
CA LEU D 137 -5.28 -32.29 -28.35
C LEU D 137 -5.43 -30.85 -27.81
N VAL D 138 -5.29 -29.84 -28.68
CA VAL D 138 -5.35 -28.44 -28.25
C VAL D 138 -6.65 -27.73 -28.65
N CYS D 139 -7.45 -27.31 -27.67
CA CYS D 139 -8.70 -26.60 -27.95
C CYS D 139 -8.44 -25.11 -28.19
N LEU D 140 -8.15 -24.73 -29.43
CA LEU D 140 -7.87 -23.33 -29.77
C LEU D 140 -9.15 -22.51 -29.89
N ILE D 141 -9.43 -21.67 -28.86
CA ILE D 141 -10.61 -20.80 -28.85
C ILE D 141 -10.19 -19.34 -28.89
N SER D 142 -10.34 -18.68 -30.05
CA SER D 142 -9.94 -17.27 -30.18
C SER D 142 -11.15 -16.31 -30.23
N ASP D 143 -10.90 -14.98 -30.24
CA ASP D 143 -11.92 -13.91 -30.29
C ASP D 143 -12.97 -13.98 -29.15
N PHE D 144 -12.56 -13.76 -27.88
CA PHE D 144 -13.50 -13.86 -26.77
C PHE D 144 -13.26 -12.88 -25.61
N TYR D 145 -14.35 -12.43 -24.97
CA TYR D 145 -14.42 -11.52 -23.81
C TYR D 145 -15.59 -11.97 -22.89
N PRO D 146 -15.51 -11.84 -21.54
CA PRO D 146 -14.42 -11.27 -20.73
C PRO D 146 -13.35 -12.27 -20.31
N GLY D 147 -12.28 -11.77 -19.70
CA GLY D 147 -11.16 -12.58 -19.25
C GLY D 147 -11.42 -13.46 -18.05
N ALA D 148 -11.99 -14.64 -18.28
CA ALA D 148 -12.29 -15.64 -17.25
C ALA D 148 -12.46 -16.99 -17.96
N VAL D 149 -11.34 -17.69 -18.25
CA VAL D 149 -11.42 -18.94 -18.98
C VAL D 149 -10.63 -20.10 -18.35
N THR D 150 -11.34 -21.20 -18.07
CA THR D 150 -10.79 -22.44 -17.52
C THR D 150 -11.42 -23.60 -18.31
N VAL D 151 -10.64 -24.23 -19.20
CA VAL D 151 -11.12 -25.32 -20.05
C VAL D 151 -11.35 -26.63 -19.28
N ALA D 152 -12.58 -27.15 -19.29
CA ALA D 152 -12.91 -28.40 -18.59
C ALA D 152 -13.12 -29.58 -19.55
N TRP D 153 -12.68 -30.77 -19.15
CA TRP D 153 -12.80 -31.97 -19.98
C TRP D 153 -13.63 -33.05 -19.29
N LYS D 154 -14.95 -33.04 -19.51
CA LYS D 154 -15.83 -34.04 -18.93
C LYS D 154 -16.33 -34.97 -20.01
N ALA D 155 -15.51 -35.97 -20.38
CA ALA D 155 -15.83 -36.93 -21.43
C ALA D 155 -16.94 -37.88 -21.03
N ASP D 156 -18.20 -37.50 -21.29
CA ASP D 156 -19.39 -38.27 -20.95
C ASP D 156 -19.42 -38.60 -19.46
N SER D 157 -19.22 -37.56 -18.62
CA SER D 157 -19.15 -37.63 -17.16
C SER D 157 -17.96 -38.46 -16.66
N SER D 158 -16.74 -37.92 -16.78
CA SER D 158 -15.52 -38.60 -16.35
C SER D 158 -14.44 -37.57 -15.95
N PRO D 159 -14.44 -37.14 -14.67
CA PRO D 159 -13.46 -36.13 -14.26
C PRO D 159 -12.13 -36.67 -13.71
N VAL D 160 -11.01 -36.13 -14.22
CA VAL D 160 -9.67 -36.52 -13.77
C VAL D 160 -8.66 -35.36 -13.94
N LYS D 161 -8.08 -34.88 -12.82
CA LYS D 161 -7.13 -33.76 -12.84
C LYS D 161 -6.14 -33.80 -11.65
N ALA D 162 -4.83 -33.91 -11.93
CA ALA D 162 -3.78 -33.94 -10.92
C ALA D 162 -2.42 -33.47 -11.47
N GLY D 163 -2.47 -32.47 -12.34
CA GLY D 163 -1.28 -31.91 -12.95
C GLY D 163 -1.48 -31.51 -14.40
N VAL D 164 -2.65 -30.93 -14.69
CA VAL D 164 -3.03 -30.50 -16.04
C VAL D 164 -2.41 -29.15 -16.43
N GLU D 165 -1.69 -29.11 -17.57
CA GLU D 165 -1.04 -27.89 -18.05
C GLU D 165 -2.06 -26.92 -18.68
N THR D 166 -2.23 -25.73 -18.09
CA THR D 166 -3.18 -24.74 -18.61
C THR D 166 -2.49 -23.39 -18.86
N THR D 167 -2.83 -22.73 -19.98
CA THR D 167 -2.26 -21.45 -20.34
C THR D 167 -3.32 -20.33 -20.38
N THR D 168 -2.96 -19.12 -19.91
CA THR D 168 -3.85 -17.97 -19.87
C THR D 168 -3.68 -17.07 -21.11
N PRO D 169 -4.75 -16.47 -21.66
CA PRO D 169 -4.61 -15.65 -22.87
C PRO D 169 -3.74 -14.39 -22.77
N SER D 170 -3.30 -13.87 -23.93
CA SER D 170 -2.47 -12.66 -24.03
C SER D 170 -2.78 -11.85 -25.33
N LYS D 171 -1.95 -10.85 -25.70
CA LYS D 171 -2.19 -10.03 -26.90
C LYS D 171 -1.95 -10.82 -28.20
N GLN D 172 -2.85 -10.67 -29.18
CA GLN D 172 -2.73 -11.34 -30.48
C GLN D 172 -2.70 -10.33 -31.66
N SER D 173 -2.54 -10.82 -32.92
CA SER D 173 -2.49 -9.98 -34.11
C SER D 173 -3.81 -9.28 -34.45
N ASN D 174 -4.94 -9.78 -33.94
CA ASN D 174 -6.24 -9.14 -34.18
C ASN D 174 -6.89 -8.62 -32.89
N ASN D 175 -6.08 -8.39 -31.82
CA ASN D 175 -6.48 -7.87 -30.50
C ASN D 175 -7.64 -8.64 -29.86
N LYS D 176 -7.67 -9.97 -30.07
CA LYS D 176 -8.68 -10.84 -29.50
C LYS D 176 -7.99 -11.94 -28.71
N TYR D 177 -8.51 -12.27 -27.52
CA TYR D 177 -7.90 -13.28 -26.67
C TYR D 177 -8.00 -14.71 -27.22
N ALA D 178 -7.10 -15.59 -26.78
CA ALA D 178 -7.08 -16.99 -27.22
C ALA D 178 -6.60 -17.88 -26.06
N ALA D 179 -7.40 -18.90 -25.69
CA ALA D 179 -7.06 -19.77 -24.56
C ALA D 179 -6.82 -21.24 -24.96
N SER D 180 -6.11 -22.00 -24.10
CA SER D 180 -5.83 -23.42 -24.36
C SER D 180 -5.74 -24.23 -23.05
N SER D 181 -5.86 -25.57 -23.15
CA SER D 181 -5.77 -26.46 -22.00
C SER D 181 -5.18 -27.81 -22.41
N TYR D 182 -3.86 -27.96 -22.28
CA TYR D 182 -3.16 -29.19 -22.66
C TYR D 182 -3.35 -30.26 -21.59
N LEU D 183 -4.47 -30.99 -21.62
CA LEU D 183 -4.74 -32.04 -20.62
C LEU D 183 -3.91 -33.29 -20.90
N SER D 184 -3.36 -33.91 -19.83
CA SER D 184 -2.54 -35.11 -19.96
C SER D 184 -3.33 -36.36 -20.33
N LEU D 185 -2.86 -37.08 -21.35
CA LEU D 185 -3.52 -38.30 -21.82
C LEU D 185 -2.73 -39.55 -21.42
N THR D 186 -3.43 -40.66 -21.15
CA THR D 186 -2.76 -41.91 -20.81
C THR D 186 -2.21 -42.56 -22.08
N PRO D 187 -0.91 -42.87 -22.11
CA PRO D 187 -0.31 -43.42 -23.34
C PRO D 187 -0.61 -44.89 -23.63
N GLU D 188 -0.53 -45.77 -22.62
CA GLU D 188 -0.78 -47.20 -22.82
C GLU D 188 -2.24 -47.62 -22.60
N GLN D 189 -3.19 -46.67 -22.62
CA GLN D 189 -4.59 -46.98 -22.43
C GLN D 189 -5.51 -46.14 -23.33
N TRP D 190 -5.52 -46.43 -24.65
CA TRP D 190 -6.37 -45.70 -25.59
C TRP D 190 -7.48 -46.60 -26.14
N LYS D 191 -7.17 -47.88 -26.38
CA LYS D 191 -8.15 -48.84 -26.89
C LYS D 191 -9.13 -49.25 -25.79
N SER D 192 -8.62 -49.43 -24.57
CA SER D 192 -9.44 -49.82 -23.42
C SER D 192 -10.30 -48.66 -22.93
N HIS D 193 -9.73 -47.46 -22.87
CA HIS D 193 -10.46 -46.27 -22.41
C HIS D 193 -11.45 -45.75 -23.47
N ARG D 194 -12.40 -44.90 -23.04
CA ARG D 194 -13.45 -44.38 -23.91
C ARG D 194 -12.94 -43.29 -24.89
N SER D 195 -12.88 -42.00 -24.48
CA SER D 195 -12.46 -40.88 -25.32
C SER D 195 -12.19 -39.59 -24.48
N TYR D 196 -11.95 -38.43 -25.13
CA TYR D 196 -11.71 -37.16 -24.43
C TYR D 196 -12.64 -36.05 -24.93
N SER D 197 -13.18 -35.23 -24.01
CA SER D 197 -14.10 -34.15 -24.37
C SER D 197 -13.53 -32.73 -24.15
N CYS D 198 -14.25 -31.68 -24.62
CA CYS D 198 -13.80 -30.29 -24.50
C CYS D 198 -14.97 -29.30 -24.35
N GLN D 199 -15.16 -28.72 -23.15
CA GLN D 199 -16.23 -27.73 -22.91
C GLN D 199 -15.82 -26.66 -21.90
N VAL D 200 -16.09 -25.38 -22.21
CA VAL D 200 -15.71 -24.25 -21.33
C VAL D 200 -16.96 -23.43 -20.92
N THR D 201 -17.01 -22.92 -19.68
CA THR D 201 -18.12 -22.10 -19.21
C THR D 201 -17.85 -20.62 -19.54
N HIS D 202 -18.70 -20.01 -20.38
CA HIS D 202 -18.50 -18.61 -20.76
C HIS D 202 -19.80 -17.81 -20.91
N GLU D 203 -20.88 -18.24 -20.24
CA GLU D 203 -22.20 -17.60 -20.28
C GLU D 203 -22.73 -17.36 -21.70
N GLY D 204 -23.01 -18.45 -22.40
CA GLY D 204 -23.51 -18.38 -23.77
C GLY D 204 -22.88 -19.40 -24.70
N SER D 205 -21.64 -19.79 -24.42
CA SER D 205 -20.92 -20.77 -25.22
C SER D 205 -21.41 -22.19 -24.92
N THR D 206 -21.92 -22.90 -25.94
CA THR D 206 -22.42 -24.27 -25.75
C THR D 206 -21.86 -25.21 -26.82
N VAL D 207 -20.63 -25.72 -26.61
CA VAL D 207 -19.98 -26.63 -27.55
C VAL D 207 -19.47 -27.90 -26.86
N GLU D 208 -19.86 -29.08 -27.38
CA GLU D 208 -19.44 -30.37 -26.85
C GLU D 208 -18.50 -31.05 -27.87
N LYS D 209 -17.44 -31.73 -27.40
CA LYS D 209 -16.49 -32.37 -28.33
C LYS D 209 -16.07 -33.80 -27.93
N THR D 210 -16.98 -34.79 -28.11
CA THR D 210 -16.64 -36.19 -27.79
C THR D 210 -16.14 -36.91 -29.05
N VAL D 211 -14.83 -37.21 -29.08
CA VAL D 211 -14.18 -37.88 -30.22
C VAL D 211 -14.37 -39.42 -30.21
N ALA D 212 -13.92 -40.11 -31.28
CA ALA D 212 -14.03 -41.57 -31.37
C ALA D 212 -12.71 -42.19 -31.88
N PRO D 213 -12.06 -43.05 -31.08
CA PRO D 213 -10.80 -43.65 -31.53
C PRO D 213 -10.99 -44.67 -32.65
N THR D 214 -12.05 -45.49 -32.56
CA THR D 214 -12.34 -46.50 -33.57
C THR D 214 -13.67 -46.19 -34.27
N GLU D 215 -13.62 -45.83 -35.56
CA GLU D 215 -14.82 -45.49 -36.32
C GLU D 215 -15.54 -46.76 -36.79
#